data_5OL4
#
_entry.id   5OL4
#
_cell.length_a   131.742
_cell.length_b   131.742
_cell.length_c   188.930
_cell.angle_alpha   90.00
_cell.angle_beta   90.00
_cell.angle_gamma   120.00
#
_symmetry.space_group_name_H-M   'P 63 2 2'
#
loop_
_entity.id
_entity.type
_entity.pdbx_description
1 polymer 'Urease subunit gamma'
2 polymer 'Urease subunit beta'
3 polymer 'Urease subunit alpha'
4 non-polymer 1,2-ETHANEDIOL
5 non-polymer 'SULFATE ION'
6 non-polymer 'NICKEL (II) ION'
7 non-polymer 'Phosphoramidothioic O,O-acid'
8 water water
#
loop_
_entity_poly.entity_id
_entity_poly.type
_entity_poly.pdbx_seq_one_letter_code
_entity_poly.pdbx_strand_id
1 'polypeptide(L)'
;(CXM)HLNPAEKEKLQIFLASELALKRKARGLKLNYPEAVAIITSFIMEGARDGKTVAMLMEEGKHVLTRDDVMEGVPEM
IDDIQAEATFPDGTKLVTVHNPIS
;
A
2 'polypeptide(L)'
;NYIVPGEYRVAEGEIEINAGREKTTIRVSNTGDRPIQVGSHIHFVEVNKELLFDRAEGIGRRLNIPSGTAARFEPGEEME
VELTELGGNREVFGISDLTNGSVDNKELILQRAKELGYKGVE
;
B
3 'polypeptide(L)'
;MKINRQQYAESYGPTVGDQVRLADTDLWIEVEKDYTTYGDEANFGGGKVLREGMGENGTYTRTENVLDLLLTNALILDYT
GIYKADIGVKDGYIVGIGKGGNPDIMDGVTPNMIVGTATEVIAAEGKIVTAGGIDTHVHFINPDQVDVALANGITTLFGG
GTGPAEGSKATTVTPGPWNIEKMLKSTEGLPINVGILGKGHGSSIAPIMEQIDAGAAGL(KCX)IHEDWGATPASIDRSL
TVADEADVQVAIHSDTLNEAGFLEDTLRAINGRVIHSFHVEGAGGGHAPDIMAMAGHPNVLPSSTNPTRPFTVNTIDEHL
DMLMVCHHLKQNIPEDVAFADSRIRPETIAAEDILHDLGIISMMSTDALAMGRAGEMVLRTWQTADKMKKQRGPLAEEKN
GSDNFRAKRYVSKYTINPAIAQGIAHEVGSIEEGKFADLVLWEPKFFGVKADRVIKGGIIAYAQIGDPSASIPTPQPVMG
RRMYGTVGDLIHDTNITFMSKSSIQQGVPAKLGLKRRIGTVKNCRNIGKKDMKWNDVTTDIDINPETYEVKVDGEVLTCE
PVKELPMAQRYFLF
;
C
#
loop_
_chem_comp.id
_chem_comp.type
_chem_comp.name
_chem_comp.formula
9XN non-polymer 'Phosphoramidothioic O,O-acid' 'H4 N O2 P S'
EDO non-polymer 1,2-ETHANEDIOL 'C2 H6 O2'
NI non-polymer 'NICKEL (II) ION' 'Ni 2'
SO4 non-polymer 'SULFATE ION' 'O4 S -2'
#
# COMPACT_ATOMS: atom_id res chain seq x y z
N CXM A 1 -34.02 -2.07 -23.26
CA CXM A 1 -33.44 -0.77 -22.89
CB CXM A 1 -33.12 -0.67 -21.40
CG CXM A 1 -34.38 -0.54 -20.54
SD CXM A 1 -33.96 -0.43 -18.82
CE CXM A 1 -33.46 -2.09 -18.48
C CXM A 1 -32.16 -0.49 -23.62
O CXM A 1 -31.69 0.62 -23.90
CN CXM A 1 -34.34 -2.43 -24.53
ON1 CXM A 1 -34.91 -3.49 -24.85
ON2 CXM A 1 -34.02 -1.65 -25.54
N HIS A 2 -31.34 -1.78 -23.97
CA HIS A 2 -30.02 -1.71 -24.62
C HIS A 2 -29.01 -0.97 -23.75
N LEU A 3 -28.96 -1.29 -22.46
CA LEU A 3 -27.98 -0.64 -21.59
C LEU A 3 -26.56 -1.04 -21.95
N ASN A 4 -25.70 -0.04 -22.05
CA ASN A 4 -24.28 -0.26 -22.26
C ASN A 4 -23.57 -0.26 -20.90
N PRO A 5 -22.27 -0.55 -20.88
CA PRO A 5 -21.61 -0.64 -19.58
C PRO A 5 -21.69 0.64 -18.72
N ALA A 6 -21.54 1.80 -19.33
CA ALA A 6 -21.58 3.05 -18.56
C ALA A 6 -22.97 3.34 -18.00
N GLU A 7 -24.02 3.04 -18.77
CA GLU A 7 -25.38 3.27 -18.28
C GLU A 7 -25.64 2.44 -17.03
N LYS A 8 -25.20 1.20 -17.03
CA LYS A 8 -25.32 0.35 -15.85
C LYS A 8 -24.58 0.90 -14.65
N GLU A 9 -23.32 1.32 -14.85
CA GLU A 9 -22.53 1.85 -13.74
C GLU A 9 -23.13 3.11 -13.15
N LYS A 10 -23.60 3.99 -14.02
CA LYS A 10 -24.02 5.31 -13.60
C LYS A 10 -25.36 5.28 -12.87
N LEU A 11 -26.15 4.21 -13.07
CA LEU A 11 -27.30 3.97 -12.20
C LEU A 11 -26.93 3.96 -10.72
N GLN A 12 -25.77 3.44 -10.39
N GLN A 12 -25.75 3.42 -10.43
CA GLN A 12 -25.42 3.33 -8.99
CA GLN A 12 -25.23 3.35 -9.04
C GLN A 12 -24.92 4.67 -8.38
C GLN A 12 -25.06 4.71 -8.42
N ILE A 13 -24.56 5.64 -9.23
CA ILE A 13 -24.33 7.00 -8.75
C ILE A 13 -25.66 7.64 -8.33
N PHE A 14 -26.67 7.50 -9.19
CA PHE A 14 -27.99 8.02 -8.88
C PHE A 14 -28.49 7.42 -7.56
N LEU A 15 -28.32 6.11 -7.41
CA LEU A 15 -28.74 5.42 -6.20
C LEU A 15 -28.01 5.93 -4.96
N ALA A 16 -26.69 6.06 -5.06
CA ALA A 16 -25.90 6.58 -3.95
C ALA A 16 -26.31 8.00 -3.58
N SER A 17 -26.65 8.80 -4.59
CA SER A 17 -27.14 10.16 -4.35
C SER A 17 -28.49 10.13 -3.60
N GLU A 18 -29.39 9.25 -4.03
CA GLU A 18 -30.68 9.13 -3.33
C GLU A 18 -30.49 8.74 -1.86
N LEU A 19 -29.58 7.80 -1.63
CA LEU A 19 -29.22 7.38 -0.27
C LEU A 19 -28.71 8.56 0.55
N ALA A 20 -27.77 9.30 -0.03
CA ALA A 20 -27.15 10.43 0.64
C ALA A 20 -28.17 11.53 0.94
N LEU A 21 -29.06 11.79 -0.01
CA LEU A 21 -30.07 12.82 0.18
C LEU A 21 -31.03 12.45 1.31
N LYS A 22 -31.36 11.16 1.44
CA LYS A 22 -32.18 10.72 2.58
C LYS A 22 -31.46 10.93 3.91
N ARG A 23 -30.15 10.65 3.92
CA ARG A 23 -29.35 10.87 5.11
C ARG A 23 -29.29 12.36 5.48
N LYS A 24 -29.09 13.22 4.49
CA LYS A 24 -29.10 14.66 4.71
C LYS A 24 -30.46 15.13 5.24
N ALA A 25 -31.53 14.60 4.67
CA ALA A 25 -32.88 15.04 5.03
C ALA A 25 -33.22 14.68 6.46
N ARG A 26 -32.63 13.61 7.01
CA ARG A 26 -32.89 13.29 8.40
C ARG A 26 -31.89 13.93 9.38
N GLY A 27 -31.05 14.82 8.86
CA GLY A 27 -30.24 15.71 9.68
C GLY A 27 -28.76 15.39 9.81
N LEU A 28 -28.29 14.42 9.04
CA LEU A 28 -26.88 14.01 9.17
C LEU A 28 -25.96 14.92 8.37
N LYS A 29 -24.80 15.21 8.94
N LYS A 29 -24.81 15.24 8.95
CA LYS A 29 -23.70 15.81 8.19
CA LYS A 29 -23.73 15.82 8.17
C LYS A 29 -23.09 14.73 7.28
C LYS A 29 -23.18 14.71 7.26
N LEU A 30 -22.98 15.04 5.99
CA LEU A 30 -22.57 14.05 4.99
C LEU A 30 -21.08 13.81 4.99
N ASN A 31 -20.72 12.59 4.63
CA ASN A 31 -19.33 12.20 4.53
C ASN A 31 -18.81 12.32 3.11
N TYR A 32 -17.59 11.84 2.89
CA TYR A 32 -16.93 12.02 1.60
C TYR A 32 -17.68 11.36 0.43
N PRO A 33 -17.91 10.04 0.47
CA PRO A 33 -18.59 9.46 -0.70
C PRO A 33 -20.02 9.97 -0.90
N GLU A 34 -20.72 10.28 0.20
CA GLU A 34 -22.06 10.85 0.10
C GLU A 34 -22.06 12.19 -0.65
N ALA A 35 -21.13 13.06 -0.28
CA ALA A 35 -21.02 14.37 -0.89
C ALA A 35 -20.67 14.24 -2.37
N VAL A 36 -19.71 13.36 -2.68
CA VAL A 36 -19.32 13.17 -4.07
C VAL A 36 -20.52 12.65 -4.88
N ALA A 37 -21.25 11.69 -4.32
CA ALA A 37 -22.41 11.14 -5.03
C ALA A 37 -23.46 12.19 -5.35
N ILE A 38 -23.78 13.03 -4.37
CA ILE A 38 -24.81 14.04 -4.58
C ILE A 38 -24.40 15.01 -5.69
N ILE A 39 -23.17 15.50 -5.64
CA ILE A 39 -22.72 16.48 -6.63
C ILE A 39 -22.66 15.81 -8.01
N THR A 40 -22.18 14.57 -8.06
CA THR A 40 -22.08 13.86 -9.33
C THR A 40 -23.45 13.63 -9.97
N SER A 41 -24.41 13.15 -9.19
CA SER A 41 -25.74 12.91 -9.74
C SER A 41 -26.39 14.24 -10.18
N PHE A 42 -26.15 15.30 -9.42
CA PHE A 42 -26.62 16.63 -9.80
C PHE A 42 -26.13 16.99 -11.20
N ILE A 43 -24.84 16.76 -11.46
CA ILE A 43 -24.25 17.08 -12.76
C ILE A 43 -24.92 16.24 -13.86
N MET A 44 -25.05 14.94 -13.64
N MET A 44 -25.01 14.94 -13.62
CA MET A 44 -25.59 14.10 -14.70
CA MET A 44 -25.63 14.00 -14.57
C MET A 44 -27.07 14.41 -14.98
C MET A 44 -27.02 14.45 -14.96
N GLU A 45 -27.84 14.73 -13.94
CA GLU A 45 -29.22 15.13 -14.16
C GLU A 45 -29.33 16.50 -14.84
N GLY A 46 -28.37 17.39 -14.56
CA GLY A 46 -28.30 18.68 -15.23
C GLY A 46 -28.06 18.55 -16.71
N ALA A 47 -27.20 17.61 -17.09
CA ALA A 47 -26.97 17.33 -18.51
C ALA A 47 -28.26 16.83 -19.18
N ARG A 48 -28.94 15.92 -18.49
CA ARG A 48 -30.20 15.39 -18.98
C ARG A 48 -31.23 16.51 -19.17
N ASP A 49 -31.21 17.49 -18.28
CA ASP A 49 -32.08 18.66 -18.36
C ASP A 49 -31.74 19.60 -19.51
N GLY A 50 -30.54 19.47 -20.08
CA GLY A 50 -30.11 20.29 -21.20
C GLY A 50 -29.32 21.54 -20.83
N LYS A 51 -28.84 21.62 -19.59
CA LYS A 51 -27.90 22.67 -19.23
C LYS A 51 -26.61 22.52 -20.02
N THR A 52 -25.84 23.60 -20.10
CA THR A 52 -24.53 23.54 -20.73
C THR A 52 -23.47 23.04 -19.75
N VAL A 53 -22.34 22.60 -20.33
CA VAL A 53 -21.19 22.23 -19.50
C VAL A 53 -20.76 23.43 -18.63
N ALA A 54 -20.68 24.61 -19.22
CA ALA A 54 -20.25 25.81 -18.49
C ALA A 54 -21.21 26.13 -17.31
N MET A 55 -22.51 25.95 -17.50
CA MET A 55 -23.46 26.17 -16.41
C MET A 55 -23.15 25.23 -15.27
N LEU A 56 -22.94 23.95 -15.58
CA LEU A 56 -22.75 22.94 -14.54
C LEU A 56 -21.40 23.06 -13.83
N MET A 57 -20.38 23.51 -14.54
CA MET A 57 -19.09 23.81 -13.92
C MET A 57 -19.23 24.81 -12.78
N GLU A 58 -20.16 25.75 -12.92
CA GLU A 58 -20.40 26.74 -11.88
C GLU A 58 -21.45 26.31 -10.88
N GLU A 59 -22.57 25.74 -11.35
CA GLU A 59 -23.63 25.29 -10.42
C GLU A 59 -23.13 24.24 -9.45
N GLY A 60 -22.18 23.41 -9.89
CA GLY A 60 -21.62 22.37 -9.06
C GLY A 60 -20.94 22.85 -7.80
N LYS A 61 -20.58 24.13 -7.76
CA LYS A 61 -20.00 24.75 -6.59
C LYS A 61 -21.01 25.21 -5.55
N HIS A 62 -22.30 25.00 -5.83
CA HIS A 62 -23.38 25.52 -4.98
C HIS A 62 -24.41 24.46 -4.58
N VAL A 63 -24.01 23.20 -4.68
CA VAL A 63 -24.88 22.08 -4.36
C VAL A 63 -24.85 21.79 -2.86
N LEU A 64 -23.64 21.70 -2.30
CA LEU A 64 -23.45 21.49 -0.87
C LEU A 64 -22.48 22.53 -0.35
N THR A 65 -22.70 22.99 0.88
CA THR A 65 -21.79 23.92 1.55
C THR A 65 -21.13 23.20 2.73
N ARG A 66 -20.15 23.86 3.35
CA ARG A 66 -19.37 23.15 4.37
C ARG A 66 -20.19 22.72 5.58
N ASP A 67 -21.25 23.46 5.90
CA ASP A 67 -22.15 23.08 7.00
C ASP A 67 -23.02 21.85 6.69
N ASP A 68 -23.05 21.41 5.43
CA ASP A 68 -23.75 20.18 5.05
C ASP A 68 -22.91 18.93 5.24
N VAL A 69 -21.60 19.07 5.45
CA VAL A 69 -20.68 17.93 5.44
C VAL A 69 -19.81 17.88 6.70
N MET A 70 -19.22 16.72 6.95
N MET A 70 -19.20 16.72 6.93
CA MET A 70 -18.37 16.51 8.11
CA MET A 70 -18.34 16.53 8.08
C MET A 70 -17.09 17.33 7.99
C MET A 70 -17.07 17.36 7.98
N GLU A 71 -16.44 17.56 9.14
CA GLU A 71 -15.15 18.22 9.19
C GLU A 71 -14.15 17.58 8.23
N GLY A 72 -13.48 18.41 7.43
CA GLY A 72 -12.43 17.96 6.52
C GLY A 72 -12.92 17.53 5.15
N VAL A 73 -14.21 17.22 5.00
CA VAL A 73 -14.74 16.80 3.72
C VAL A 73 -14.55 17.86 2.62
N PRO A 74 -14.77 19.16 2.92
CA PRO A 74 -14.55 20.14 1.85
C PRO A 74 -13.11 20.09 1.29
N GLU A 75 -12.14 19.88 2.18
CA GLU A 75 -10.74 19.87 1.79
C GLU A 75 -10.31 18.56 1.13
N MET A 76 -11.07 17.49 1.35
CA MET A 76 -10.83 16.20 0.69
C MET A 76 -11.24 16.21 -0.78
N ILE A 77 -12.17 17.08 -1.16
CA ILE A 77 -12.70 17.09 -2.53
C ILE A 77 -12.06 18.23 -3.31
N ASP A 78 -11.01 17.92 -4.07
CA ASP A 78 -10.34 18.93 -4.88
C ASP A 78 -11.16 19.28 -6.12
N ASP A 79 -11.80 18.26 -6.69
CA ASP A 79 -12.68 18.46 -7.83
C ASP A 79 -13.58 17.25 -7.94
N ILE A 80 -14.65 17.40 -8.69
CA ILE A 80 -15.50 16.29 -9.09
C ILE A 80 -15.64 16.36 -10.61
N GLN A 81 -15.49 15.20 -11.23
CA GLN A 81 -15.62 15.06 -12.68
C GLN A 81 -16.70 14.04 -12.99
N ALA A 82 -17.50 14.36 -14.00
CA ALA A 82 -18.58 13.47 -14.44
C ALA A 82 -18.87 13.68 -15.91
N GLU A 83 -19.14 12.58 -16.61
CA GLU A 83 -19.57 12.63 -18.00
C GLU A 83 -21.00 12.20 -18.14
N ALA A 84 -21.72 12.87 -19.02
CA ALA A 84 -23.11 12.56 -19.29
C ALA A 84 -23.46 12.97 -20.70
N THR A 85 -24.60 12.49 -21.18
CA THR A 85 -25.08 12.81 -22.51
C THR A 85 -25.85 14.13 -22.45
N PHE A 86 -25.23 15.15 -23.03
CA PHE A 86 -25.87 16.45 -23.24
C PHE A 86 -26.67 16.39 -24.54
N PRO A 87 -27.42 17.46 -24.86
CA PRO A 87 -28.12 17.44 -26.14
C PRO A 87 -27.17 17.27 -27.33
N ASP A 88 -25.93 17.71 -27.15
CA ASP A 88 -24.88 17.61 -28.16
C ASP A 88 -23.85 16.51 -27.87
N GLY A 89 -24.30 15.43 -27.24
CA GLY A 89 -23.45 14.26 -27.02
C GLY A 89 -22.79 14.23 -25.66
N THR A 90 -21.95 13.21 -25.45
CA THR A 90 -21.25 13.09 -24.18
C THR A 90 -20.24 14.22 -24.00
N LYS A 91 -20.26 14.82 -22.81
CA LYS A 91 -19.27 15.81 -22.44
C LYS A 91 -18.88 15.62 -20.98
N LEU A 92 -17.70 16.13 -20.66
CA LEU A 92 -17.13 16.09 -19.33
C LEU A 92 -17.34 17.43 -18.61
N VAL A 93 -17.86 17.33 -17.39
CA VAL A 93 -17.97 18.46 -16.48
C VAL A 93 -16.96 18.28 -15.35
N THR A 94 -16.08 19.27 -15.19
CA THR A 94 -15.14 19.33 -14.08
C THR A 94 -15.54 20.50 -13.18
N VAL A 95 -15.84 20.18 -11.92
CA VAL A 95 -16.14 21.18 -10.91
C VAL A 95 -14.97 21.26 -9.94
N HIS A 96 -14.30 22.40 -9.94
CA HIS A 96 -13.20 22.64 -9.01
C HIS A 96 -13.70 23.11 -7.66
N ASN A 97 -13.14 22.54 -6.59
CA ASN A 97 -13.44 22.94 -5.21
C ASN A 97 -14.93 23.16 -5.00
N PRO A 98 -15.72 22.08 -5.17
CA PRO A 98 -17.15 22.24 -5.14
C PRO A 98 -17.72 22.68 -3.78
N ILE A 99 -17.01 22.41 -2.69
CA ILE A 99 -17.47 22.80 -1.35
C ILE A 99 -16.40 23.67 -0.71
N SER A 100 -16.69 24.96 -0.49
CA SER A 100 -15.66 25.88 0.05
C SER A 100 -15.37 25.65 1.54
N ASN B 1 -6.69 22.51 15.70
CA ASN B 1 -7.52 21.30 15.94
C ASN B 1 -8.29 20.77 14.71
N TYR B 2 -8.69 21.64 13.77
CA TYR B 2 -9.38 21.18 12.55
C TYR B 2 -8.48 20.21 11.78
N ILE B 3 -9.06 19.07 11.40
CA ILE B 3 -8.31 18.03 10.72
C ILE B 3 -8.59 18.05 9.22
N VAL B 4 -7.54 18.29 8.43
CA VAL B 4 -7.60 18.08 6.99
C VAL B 4 -6.92 16.73 6.74
N PRO B 5 -7.69 15.71 6.33
CA PRO B 5 -7.10 14.38 6.16
C PRO B 5 -5.92 14.42 5.20
N GLY B 6 -4.82 13.77 5.60
CA GLY B 6 -3.63 13.68 4.76
C GLY B 6 -2.84 14.97 4.58
N GLU B 7 -3.13 16.00 5.36
CA GLU B 7 -2.47 17.28 5.17
C GLU B 7 -0.97 17.21 5.48
N TYR B 8 -0.22 18.10 4.83
CA TYR B 8 1.18 18.30 5.14
C TYR B 8 1.39 19.33 6.23
N ARG B 9 2.45 19.15 7.01
CA ARG B 9 3.03 20.20 7.83
C ARG B 9 4.49 20.28 7.41
N VAL B 10 4.78 21.16 6.46
CA VAL B 10 6.13 21.23 5.90
C VAL B 10 7.07 21.92 6.87
N ALA B 11 8.34 21.57 6.76
CA ALA B 11 9.37 22.19 7.57
C ALA B 11 9.63 23.60 7.06
N GLU B 12 10.37 24.35 7.86
N GLU B 12 10.37 24.38 7.82
CA GLU B 12 10.81 25.71 7.51
CA GLU B 12 10.66 25.72 7.35
C GLU B 12 11.92 25.69 6.48
C GLU B 12 11.96 25.75 6.59
N GLY B 13 12.07 26.80 5.78
CA GLY B 13 13.22 27.01 4.92
C GLY B 13 12.84 26.89 3.48
N GLU B 14 13.88 26.77 2.67
CA GLU B 14 13.71 26.77 1.23
C GLU B 14 14.65 25.75 0.61
N ILE B 15 14.27 25.29 -0.57
CA ILE B 15 15.07 24.31 -1.31
C ILE B 15 15.81 25.01 -2.44
N GLU B 16 17.14 24.93 -2.41
CA GLU B 16 17.96 25.48 -3.49
C GLU B 16 18.17 24.41 -4.54
N ILE B 17 17.73 24.68 -5.77
CA ILE B 17 17.95 23.76 -6.87
C ILE B 17 19.33 23.94 -7.50
N ASN B 18 19.88 22.84 -8.01
CA ASN B 18 21.11 22.88 -8.78
C ASN B 18 22.23 23.57 -8.02
N ALA B 19 22.31 23.24 -6.74
CA ALA B 19 23.24 23.90 -5.85
C ALA B 19 24.68 23.60 -6.25
N GLY B 20 25.52 24.63 -6.20
CA GLY B 20 26.94 24.47 -6.48
C GLY B 20 27.33 24.48 -7.94
N ARG B 21 26.36 24.59 -8.85
CA ARG B 21 26.64 24.62 -10.27
C ARG B 21 26.70 26.06 -10.77
N GLU B 22 27.59 26.32 -11.71
CA GLU B 22 27.70 27.64 -12.34
C GLU B 22 26.39 28.02 -13.01
N LYS B 23 26.00 29.29 -12.83
CA LYS B 23 24.82 29.87 -13.45
C LYS B 23 25.22 30.92 -14.47
N THR B 24 24.46 31.01 -15.55
CA THR B 24 24.75 31.93 -16.65
C THR B 24 23.45 32.55 -17.15
N THR B 25 23.41 33.88 -17.21
CA THR B 25 22.24 34.57 -17.72
C THR B 25 22.47 34.96 -19.17
N ILE B 26 21.49 34.65 -20.03
CA ILE B 26 21.57 35.02 -21.45
C ILE B 26 20.22 35.52 -21.97
N ARG B 27 20.28 36.33 -23.02
CA ARG B 27 19.08 36.80 -23.70
C ARG B 27 18.76 35.87 -24.87
N VAL B 28 17.47 35.56 -25.05
CA VAL B 28 17.01 34.64 -26.08
C VAL B 28 15.76 35.23 -26.74
N SER B 29 15.70 35.19 -28.07
N SER B 29 15.67 35.20 -28.07
CA SER B 29 14.57 35.72 -28.85
CA SER B 29 14.46 35.69 -28.72
C SER B 29 13.91 34.62 -29.68
C SER B 29 13.90 34.74 -29.75
N ASN B 30 12.58 34.63 -29.75
CA ASN B 30 11.85 33.79 -30.68
C ASN B 30 11.66 34.56 -31.98
N THR B 31 12.48 34.23 -32.98
CA THR B 31 12.40 34.88 -34.28
C THR B 31 11.32 34.29 -35.20
N GLY B 32 10.68 33.21 -34.74
CA GLY B 32 9.63 32.56 -35.51
C GLY B 32 8.27 33.15 -35.25
N ASP B 33 7.25 32.59 -35.91
CA ASP B 33 5.91 33.15 -35.83
C ASP B 33 4.92 32.29 -35.06
N ARG B 34 5.44 31.28 -34.36
CA ARG B 34 4.65 30.40 -33.52
C ARG B 34 5.39 30.27 -32.18
N PRO B 35 4.66 30.00 -31.08
CA PRO B 35 5.31 30.00 -29.78
C PRO B 35 6.25 28.80 -29.57
N ILE B 36 7.31 29.02 -28.82
CA ILE B 36 8.28 27.99 -28.50
C ILE B 36 8.41 27.92 -26.99
N GLN B 37 8.22 26.72 -26.43
CA GLN B 37 8.30 26.51 -24.98
C GLN B 37 9.38 25.47 -24.71
N VAL B 38 10.27 25.79 -23.79
CA VAL B 38 11.50 25.03 -23.55
C VAL B 38 11.52 24.45 -22.14
N GLY B 39 11.66 23.13 -22.05
CA GLY B 39 11.67 22.46 -20.77
C GLY B 39 12.96 22.58 -19.97
N SER B 40 12.86 22.24 -18.71
CA SER B 40 13.97 22.40 -17.77
C SER B 40 15.22 21.58 -18.11
N HIS B 41 15.06 20.45 -18.80
CA HIS B 41 16.17 19.50 -18.95
C HIS B 41 16.64 19.24 -20.37
N ILE B 42 16.22 20.07 -21.32
CA ILE B 42 16.75 19.97 -22.69
C ILE B 42 18.08 20.72 -22.80
N HIS B 43 19.06 20.04 -23.39
CA HIS B 43 20.36 20.65 -23.68
C HIS B 43 20.13 21.94 -24.44
N PHE B 44 20.51 23.07 -23.87
CA PHE B 44 19.96 24.33 -24.35
C PHE B 44 20.39 24.68 -25.78
N VAL B 45 21.61 24.30 -26.15
CA VAL B 45 22.07 24.54 -27.51
C VAL B 45 21.23 23.82 -28.59
N GLU B 46 20.45 22.80 -28.20
CA GLU B 46 19.71 21.98 -29.17
C GLU B 46 18.25 22.39 -29.34
N VAL B 47 17.86 23.51 -28.74
CA VAL B 47 16.50 24.01 -28.91
C VAL B 47 16.25 24.51 -30.34
N ASN B 48 14.97 24.64 -30.66
CA ASN B 48 14.46 25.14 -31.94
C ASN B 48 15.39 26.14 -32.62
N LYS B 49 15.72 25.85 -33.87
CA LYS B 49 16.57 26.69 -34.73
C LYS B 49 16.22 28.18 -34.71
N GLU B 50 14.94 28.50 -34.56
N GLU B 50 14.93 28.49 -34.58
CA GLU B 50 14.50 29.88 -34.70
CA GLU B 50 14.45 29.86 -34.70
C GLU B 50 14.58 30.69 -33.41
C GLU B 50 14.64 30.70 -33.43
N LEU B 51 14.99 30.06 -32.31
CA LEU B 51 15.43 30.81 -31.13
C LEU B 51 16.83 31.37 -31.39
N LEU B 52 16.96 32.67 -31.23
CA LEU B 52 18.21 33.38 -31.46
C LEU B 52 18.85 33.70 -30.11
N PHE B 53 20.06 33.21 -29.93
CA PHE B 53 20.88 33.47 -28.75
C PHE B 53 22.29 33.04 -29.07
N ASP B 54 23.23 33.36 -28.18
CA ASP B 54 24.62 32.96 -28.38
C ASP B 54 24.68 31.44 -28.15
N ARG B 55 24.64 30.66 -29.22
CA ARG B 55 24.53 29.20 -29.12
C ARG B 55 25.64 28.58 -28.28
N ALA B 56 26.84 29.13 -28.37
CA ALA B 56 27.96 28.64 -27.58
C ALA B 56 27.65 28.64 -26.08
N GLU B 57 26.86 29.62 -25.64
CA GLU B 57 26.51 29.74 -24.22
C GLU B 57 25.44 28.75 -23.76
N GLY B 58 24.84 28.03 -24.70
CA GLY B 58 23.91 26.96 -24.34
C GLY B 58 24.55 25.58 -24.23
N ILE B 59 25.83 25.47 -24.62
CA ILE B 59 26.49 24.16 -24.64
C ILE B 59 26.77 23.69 -23.22
N GLY B 60 26.40 22.45 -22.95
CA GLY B 60 26.60 21.86 -21.64
C GLY B 60 25.73 22.42 -20.54
N ARG B 61 24.63 23.07 -20.94
CA ARG B 61 23.75 23.79 -20.01
C ARG B 61 22.29 23.49 -20.29
N ARG B 62 21.46 23.87 -19.34
CA ARG B 62 20.01 23.77 -19.44
C ARG B 62 19.42 24.88 -18.55
N LEU B 63 18.11 25.09 -18.65
CA LEU B 63 17.48 26.13 -17.84
C LEU B 63 17.61 25.85 -16.33
N ASN B 64 17.94 26.90 -15.57
CA ASN B 64 18.01 26.82 -14.11
C ASN B 64 16.65 27.08 -13.50
N ILE B 65 15.72 26.16 -13.75
CA ILE B 65 14.33 26.29 -13.31
C ILE B 65 13.94 24.95 -12.68
N PRO B 66 12.90 24.96 -11.83
CA PRO B 66 12.51 23.71 -11.19
C PRO B 66 12.25 22.60 -12.19
N SER B 67 12.68 21.40 -11.84
CA SER B 67 12.47 20.23 -12.66
C SER B 67 11.00 20.12 -13.08
N GLY B 68 10.75 20.03 -14.38
CA GLY B 68 9.40 19.88 -14.91
C GLY B 68 8.71 21.17 -15.32
N THR B 69 9.37 22.30 -15.09
CA THR B 69 8.84 23.59 -15.54
C THR B 69 9.48 23.99 -16.88
N ALA B 70 9.11 25.14 -17.40
CA ALA B 70 9.50 25.55 -18.74
C ALA B 70 9.55 27.05 -18.87
N ALA B 71 10.23 27.52 -19.91
CA ALA B 71 10.21 28.92 -20.32
C ALA B 71 9.47 29.02 -21.65
N ARG B 72 8.49 29.94 -21.72
CA ARG B 72 7.66 30.09 -22.91
C ARG B 72 7.99 31.38 -23.65
N PHE B 73 8.26 31.27 -24.95
CA PHE B 73 8.56 32.41 -25.83
C PHE B 73 7.47 32.56 -26.88
N GLU B 74 6.67 33.63 -26.75
CA GLU B 74 5.70 33.95 -27.77
C GLU B 74 6.43 34.44 -29.03
N PRO B 75 5.74 34.46 -30.18
CA PRO B 75 6.40 34.94 -31.40
C PRO B 75 6.97 36.36 -31.22
N GLY B 76 8.24 36.53 -31.56
CA GLY B 76 8.91 37.81 -31.44
C GLY B 76 9.42 38.16 -30.05
N GLU B 77 9.10 37.33 -29.07
CA GLU B 77 9.41 37.65 -27.68
C GLU B 77 10.87 37.37 -27.35
N GLU B 78 11.51 38.36 -26.74
CA GLU B 78 12.85 38.24 -26.16
C GLU B 78 12.73 38.16 -24.65
N MET B 79 13.45 37.23 -24.04
CA MET B 79 13.46 37.09 -22.58
C MET B 79 14.88 36.82 -22.15
N GLU B 80 15.17 37.21 -20.90
N GLU B 80 15.22 37.27 -20.94
CA GLU B 80 16.41 36.84 -20.25
CA GLU B 80 16.43 36.80 -20.30
C GLU B 80 16.15 35.60 -19.41
C GLU B 80 16.07 35.52 -19.56
N VAL B 81 16.99 34.56 -19.59
CA VAL B 81 16.84 33.32 -18.85
C VAL B 81 18.16 33.01 -18.15
N GLU B 82 18.08 32.24 -17.07
CA GLU B 82 19.25 31.76 -16.38
C GLU B 82 19.41 30.27 -16.66
N LEU B 83 20.64 29.91 -17.00
CA LEU B 83 21.03 28.53 -17.27
C LEU B 83 21.87 28.01 -16.12
N THR B 84 21.81 26.69 -15.94
CA THR B 84 22.72 25.97 -15.06
C THR B 84 23.50 24.95 -15.90
N GLU B 85 24.51 24.38 -15.28
CA GLU B 85 25.33 23.35 -15.95
C GLU B 85 24.63 22.01 -15.90
N LEU B 86 24.75 21.25 -16.99
CA LEU B 86 24.42 19.84 -16.95
C LEU B 86 25.34 19.13 -15.96
N GLY B 87 24.83 18.05 -15.38
CA GLY B 87 25.60 17.24 -14.45
C GLY B 87 25.84 15.83 -14.99
N GLY B 88 26.01 14.89 -14.07
CA GLY B 88 26.33 13.52 -14.42
C GLY B 88 27.59 13.44 -15.25
N ASN B 89 27.51 12.65 -16.32
CA ASN B 89 28.64 12.48 -17.22
C ASN B 89 28.86 13.65 -18.18
N ARG B 90 27.95 14.62 -18.16
CA ARG B 90 28.01 15.76 -19.10
C ARG B 90 28.17 15.27 -20.54
N GLU B 91 27.25 14.39 -20.91
CA GLU B 91 27.14 13.88 -22.27
C GLU B 91 25.70 14.07 -22.72
N VAL B 92 25.49 14.35 -23.99
CA VAL B 92 24.14 14.43 -24.54
C VAL B 92 24.08 13.61 -25.81
N PHE B 93 23.02 12.82 -25.93
CA PHE B 93 22.78 12.01 -27.11
C PHE B 93 21.37 12.29 -27.63
N GLY B 94 21.21 12.21 -28.93
CA GLY B 94 19.89 12.39 -29.51
C GLY B 94 19.45 13.84 -29.47
N ILE B 95 18.18 14.05 -29.15
CA ILE B 95 17.52 15.37 -29.21
C ILE B 95 17.57 15.90 -30.66
N SER B 96 18.46 16.86 -30.93
CA SER B 96 18.62 17.42 -32.27
C SER B 96 19.86 16.86 -32.99
N ASP B 97 20.51 15.88 -32.36
CA ASP B 97 21.72 15.23 -32.88
C ASP B 97 22.88 16.23 -33.10
N LEU B 98 22.95 17.26 -32.27
CA LEU B 98 24.06 18.22 -32.36
C LEU B 98 25.27 17.80 -31.54
N THR B 99 25.08 16.91 -30.56
CA THR B 99 26.16 16.60 -29.62
C THR B 99 26.61 15.14 -29.76
N ASN B 100 25.73 14.20 -29.42
CA ASN B 100 26.04 12.78 -29.46
C ASN B 100 27.41 12.43 -28.90
N GLY B 101 27.59 12.82 -27.64
CA GLY B 101 28.84 12.58 -26.92
C GLY B 101 29.07 13.62 -25.86
N SER B 102 30.34 13.88 -25.56
CA SER B 102 30.67 14.89 -24.57
C SER B 102 30.26 16.28 -25.00
N VAL B 103 29.73 17.03 -24.04
CA VAL B 103 29.44 18.44 -24.26
C VAL B 103 30.71 19.30 -24.35
N ASP B 104 31.88 18.70 -24.05
CA ASP B 104 33.14 19.40 -24.17
C ASP B 104 33.54 19.74 -25.61
N ASN B 105 32.92 19.05 -26.57
N ASN B 105 33.05 19.02 -26.62
CA ASN B 105 33.26 19.20 -27.97
CA ASN B 105 33.49 19.31 -28.00
C ASN B 105 32.58 20.42 -28.61
C ASN B 105 32.64 20.42 -28.59
N LYS B 106 32.89 21.61 -28.10
CA LYS B 106 32.15 22.82 -28.48
C LYS B 106 32.27 23.11 -29.97
N GLU B 107 33.47 22.92 -30.52
CA GLU B 107 33.71 23.25 -31.91
C GLU B 107 32.85 22.38 -32.83
N LEU B 108 32.77 21.09 -32.52
CA LEU B 108 31.96 20.17 -33.32
C LEU B 108 30.47 20.49 -33.21
N ILE B 109 30.02 20.74 -31.98
CA ILE B 109 28.61 21.06 -31.75
C ILE B 109 28.21 22.31 -32.55
N LEU B 110 29.05 23.34 -32.49
CA LEU B 110 28.77 24.59 -33.20
C LEU B 110 28.84 24.44 -34.72
N GLN B 111 29.77 23.61 -35.21
CA GLN B 111 29.86 23.33 -36.64
C GLN B 111 28.56 22.71 -37.13
N ARG B 112 28.07 21.73 -36.39
CA ARG B 112 26.83 21.06 -36.76
C ARG B 112 25.64 22.03 -36.70
N ALA B 113 25.59 22.82 -35.62
CA ALA B 113 24.52 23.80 -35.44
C ALA B 113 24.49 24.81 -36.58
N LYS B 114 25.66 25.32 -36.97
CA LYS B 114 25.75 26.29 -38.04
C LYS B 114 25.29 25.69 -39.37
N GLU B 115 25.77 24.48 -39.67
CA GLU B 115 25.43 23.84 -40.93
C GLU B 115 23.93 23.60 -41.08
N LEU B 116 23.26 23.33 -39.96
CA LEU B 116 21.82 23.04 -39.94
C LEU B 116 20.94 24.27 -39.74
N GLY B 117 21.55 25.43 -39.56
CA GLY B 117 20.78 26.68 -39.50
C GLY B 117 20.20 27.03 -38.13
N TYR B 118 20.83 26.53 -37.06
CA TYR B 118 20.47 26.94 -35.71
C TYR B 118 20.97 28.35 -35.48
N LYS B 119 20.05 29.29 -35.22
CA LYS B 119 20.41 30.70 -35.16
C LYS B 119 21.29 31.06 -33.97
N GLY B 120 22.29 31.89 -34.23
CA GLY B 120 23.14 32.43 -33.19
C GLY B 120 24.52 31.81 -33.05
N VAL B 121 24.98 31.08 -34.07
CA VAL B 121 26.37 30.61 -34.08
C VAL B 121 27.28 31.68 -34.68
N GLU B 122 28.42 31.93 -34.04
CA GLU B 122 29.41 32.88 -34.56
C GLU B 122 30.19 32.29 -35.74
N MET C 1 18.59 29.72 -7.41
N MET C 1 18.48 29.91 -7.43
CA MET C 1 17.11 29.79 -7.39
CA MET C 1 17.02 29.69 -7.45
C MET C 1 16.61 28.86 -6.26
C MET C 1 16.61 28.83 -6.26
N LYS C 2 15.70 29.35 -5.44
CA LYS C 2 15.15 28.59 -4.31
C LYS C 2 13.63 28.51 -4.43
N ILE C 3 13.08 27.40 -3.94
CA ILE C 3 11.65 27.10 -3.96
C ILE C 3 11.22 27.01 -2.50
N ASN C 4 10.12 27.66 -2.11
N ASN C 4 10.09 27.63 -2.13
CA ASN C 4 9.69 27.47 -0.73
CA ASN C 4 9.60 27.49 -0.76
C ASN C 4 9.15 26.05 -0.53
C ASN C 4 9.05 26.08 -0.53
N ARG C 5 9.12 25.62 0.72
CA ARG C 5 8.79 24.25 1.05
C ARG C 5 7.38 23.82 0.71
N GLN C 6 6.42 24.73 0.86
CA GLN C 6 5.05 24.39 0.53
C GLN C 6 4.93 24.07 -0.95
N GLN C 7 5.50 24.91 -1.78
CA GLN C 7 5.43 24.74 -3.23
C GLN C 7 6.25 23.51 -3.65
N TYR C 8 7.41 23.30 -3.02
CA TYR C 8 8.20 22.11 -3.34
C TYR C 8 7.37 20.85 -3.08
N ALA C 9 6.76 20.77 -1.90
CA ALA C 9 6.02 19.56 -1.54
C ALA C 9 4.81 19.35 -2.43
N GLU C 10 4.15 20.43 -2.84
N GLU C 10 4.15 20.44 -2.81
CA GLU C 10 3.00 20.30 -3.73
CA GLU C 10 3.01 20.37 -3.73
C GLU C 10 3.36 19.80 -5.12
C GLU C 10 3.40 19.73 -5.07
N SER C 11 4.60 20.05 -5.56
CA SER C 11 5.07 19.59 -6.88
C SER C 11 5.71 18.21 -6.86
N TYR C 12 6.50 17.91 -5.82
CA TYR C 12 7.34 16.71 -5.82
C TYR C 12 7.07 15.77 -4.67
N GLY C 13 6.07 16.09 -3.84
CA GLY C 13 5.91 15.42 -2.57
C GLY C 13 6.86 15.96 -1.53
N PRO C 14 6.66 15.59 -0.26
CA PRO C 14 7.44 16.14 0.85
C PRO C 14 8.90 15.74 0.82
N THR C 15 9.73 16.53 1.48
CA THR C 15 11.15 16.22 1.60
C THR C 15 11.57 16.29 3.06
N VAL C 16 12.88 16.23 3.31
CA VAL C 16 13.42 15.98 4.65
C VAL C 16 12.88 16.95 5.68
N GLY C 17 12.31 16.40 6.76
CA GLY C 17 11.75 17.20 7.84
C GLY C 17 10.27 17.51 7.71
N ASP C 18 9.70 17.39 6.51
CA ASP C 18 8.27 17.62 6.32
C ASP C 18 7.49 16.49 6.97
N GLN C 19 6.28 16.80 7.44
CA GLN C 19 5.40 15.81 8.04
C GLN C 19 4.10 15.68 7.26
N VAL C 20 3.51 14.50 7.34
CA VAL C 20 2.27 14.17 6.67
C VAL C 20 1.33 13.49 7.64
N ARG C 21 0.09 13.94 7.69
CA ARG C 21 -0.94 13.29 8.51
C ARG C 21 -1.43 12.00 7.85
N LEU C 22 -1.53 10.94 8.62
CA LEU C 22 -2.08 9.67 8.10
C LEU C 22 -3.62 9.72 8.16
N ALA C 23 -4.24 9.81 6.98
CA ALA C 23 -5.69 9.88 6.88
C ALA C 23 -6.22 10.96 7.83
N ASP C 24 -7.28 10.67 8.59
CA ASP C 24 -7.87 11.62 9.53
C ASP C 24 -7.49 11.25 10.96
N THR C 25 -6.40 10.51 11.12
CA THR C 25 -5.85 10.22 12.46
C THR C 25 -5.04 11.41 12.97
N ASP C 26 -4.55 11.35 14.21
N ASP C 26 -4.58 11.27 14.21
CA ASP C 26 -3.58 12.36 14.69
CA ASP C 26 -3.65 12.21 14.85
C ASP C 26 -2.16 11.80 14.65
C ASP C 26 -2.18 11.88 14.57
N LEU C 27 -1.90 10.87 13.73
CA LEU C 27 -0.55 10.36 13.51
C LEU C 27 0.14 11.12 12.39
N TRP C 28 1.37 11.55 12.65
CA TRP C 28 2.19 12.28 11.69
C TRP C 28 3.46 11.52 11.42
N ILE C 29 3.77 11.33 10.15
CA ILE C 29 5.07 10.77 9.77
C ILE C 29 5.96 11.85 9.17
N GLU C 30 7.24 11.76 9.49
CA GLU C 30 8.22 12.74 9.06
C GLU C 30 9.21 12.11 8.09
N VAL C 31 9.50 12.81 6.99
CA VAL C 31 10.51 12.35 6.03
C VAL C 31 11.89 12.38 6.69
N GLU C 32 12.53 11.22 6.80
CA GLU C 32 13.82 11.08 7.52
C GLU C 32 15.03 11.44 6.66
N LYS C 33 14.94 11.13 5.38
CA LYS C 33 16.01 11.40 4.40
C LYS C 33 15.39 11.39 3.02
N ASP C 34 16.14 11.89 2.04
CA ASP C 34 15.63 12.00 0.68
C ASP C 34 16.80 11.72 -0.27
N TYR C 35 16.61 10.74 -1.16
CA TYR C 35 17.65 10.31 -2.08
C TYR C 35 17.80 11.21 -3.33
N THR C 36 16.99 12.26 -3.46
CA THR C 36 17.04 13.06 -4.68
C THR C 36 18.27 13.97 -4.73
N THR C 37 18.46 14.56 -5.90
CA THR C 37 19.34 15.70 -6.05
C THR C 37 18.43 16.87 -6.44
N TYR C 38 18.34 17.88 -5.57
CA TYR C 38 17.40 18.97 -5.81
C TYR C 38 17.70 19.70 -7.12
N GLY C 39 16.69 19.77 -7.98
CA GLY C 39 16.80 20.29 -9.33
C GLY C 39 16.76 19.21 -10.40
N ASP C 40 17.10 17.97 -10.01
CA ASP C 40 17.10 16.83 -10.95
C ASP C 40 16.02 15.79 -10.61
N GLU C 41 14.97 16.20 -9.90
CA GLU C 41 13.85 15.31 -9.63
C GLU C 41 13.30 14.75 -10.93
N ALA C 42 12.96 13.47 -10.92
CA ALA C 42 12.30 12.84 -12.03
C ALA C 42 10.81 13.16 -12.00
N ASN C 43 10.24 13.44 -13.16
CA ASN C 43 8.80 13.59 -13.30
C ASN C 43 8.46 13.35 -14.75
N PHE C 44 7.23 12.92 -14.97
CA PHE C 44 6.75 12.56 -16.29
C PHE C 44 5.50 13.35 -16.67
N GLY C 45 5.38 13.64 -17.97
CA GLY C 45 4.20 14.30 -18.51
C GLY C 45 4.56 15.24 -19.64
N GLY C 46 3.61 16.07 -20.02
CA GLY C 46 3.82 17.01 -21.12
C GLY C 46 4.88 18.02 -20.75
N GLY C 47 5.95 18.09 -21.54
CA GLY C 47 7.05 19.01 -21.28
C GLY C 47 7.85 18.76 -20.01
N LYS C 48 7.79 17.53 -19.49
CA LYS C 48 8.42 17.21 -18.20
C LYS C 48 9.85 16.64 -18.39
N VAL C 49 10.42 16.07 -17.35
CA VAL C 49 11.86 15.75 -17.33
C VAL C 49 12.20 14.42 -18.01
N LEU C 50 11.32 13.44 -17.89
CA LEU C 50 11.60 12.09 -18.39
C LEU C 50 11.25 11.99 -19.87
N ARG C 51 12.14 12.59 -20.66
CA ARG C 51 12.04 12.66 -22.11
C ARG C 51 13.41 12.33 -22.70
N GLU C 52 13.40 11.77 -23.91
CA GLU C 52 14.60 11.26 -24.55
C GLU C 52 15.69 12.32 -24.68
N GLY C 53 16.91 11.96 -24.26
CA GLY C 53 18.06 12.86 -24.27
C GLY C 53 18.14 13.73 -23.03
N MET C 54 17.09 13.69 -22.21
CA MET C 54 16.96 14.57 -21.06
C MET C 54 16.98 13.64 -19.84
N GLY C 55 15.90 13.55 -19.07
CA GLY C 55 15.84 12.61 -17.97
C GLY C 55 15.68 11.15 -18.38
N GLU C 56 15.29 10.89 -19.63
CA GLU C 56 15.29 9.54 -20.18
C GLU C 56 16.49 9.35 -21.08
N ASN C 57 17.27 8.31 -20.78
CA ASN C 57 18.43 7.92 -21.59
C ASN C 57 17.95 7.26 -22.88
N GLY C 58 18.53 7.65 -24.02
CA GLY C 58 18.16 7.09 -25.32
C GLY C 58 19.16 6.09 -25.92
N THR C 59 20.14 5.69 -25.12
CA THR C 59 21.28 4.89 -25.59
C THR C 59 21.17 3.41 -25.20
N TYR C 60 20.81 3.16 -23.95
CA TYR C 60 20.96 1.82 -23.38
C TYR C 60 19.79 0.90 -23.66
N THR C 61 20.11 -0.35 -23.96
CA THR C 61 19.12 -1.39 -24.09
C THR C 61 18.63 -1.77 -22.70
N ARG C 62 17.54 -2.53 -22.64
CA ARG C 62 16.94 -2.86 -21.38
C ARG C 62 17.91 -3.52 -20.40
N THR C 63 18.81 -4.36 -20.91
N THR C 63 18.70 -4.49 -20.89
CA THR C 63 19.81 -4.99 -20.05
CA THR C 63 19.50 -5.34 -20.01
C THR C 63 20.84 -4.04 -19.45
C THR C 63 20.57 -4.53 -19.29
N GLU C 64 21.06 -2.88 -20.07
N GLU C 64 20.92 -3.37 -19.87
CA GLU C 64 22.15 -2.04 -19.64
CA GLU C 64 22.03 -2.54 -19.40
C GLU C 64 21.66 -1.10 -18.51
C GLU C 64 21.60 -1.32 -18.58
N ASN C 65 21.29 -1.65 -17.34
CA ASN C 65 20.95 -0.77 -16.21
C ASN C 65 19.67 0.02 -16.35
N VAL C 66 18.82 -0.38 -17.29
CA VAL C 66 17.55 0.30 -17.53
C VAL C 66 16.44 -0.41 -16.76
N LEU C 67 15.47 0.36 -16.28
CA LEU C 67 14.34 -0.16 -15.52
C LEU C 67 13.14 -0.51 -16.38
N ASP C 68 12.34 -1.48 -15.96
CA ASP C 68 11.01 -1.67 -16.55
C ASP C 68 9.98 -0.64 -16.05
N LEU C 69 10.19 -0.17 -14.82
CA LEU C 69 9.23 0.72 -14.17
C LEU C 69 9.96 1.58 -13.17
N LEU C 70 9.66 2.88 -13.18
CA LEU C 70 10.13 3.80 -12.16
C LEU C 70 8.91 4.42 -11.48
N LEU C 71 8.85 4.28 -10.14
CA LEU C 71 7.90 5.06 -9.32
C LEU C 71 8.66 6.30 -8.89
N THR C 72 8.22 7.47 -9.33
CA THR C 72 8.91 8.72 -9.05
C THR C 72 8.44 9.33 -7.74
N ASN C 73 9.39 9.80 -6.93
CA ASN C 73 9.09 10.66 -5.78
C ASN C 73 8.18 10.02 -4.73
N ALA C 74 8.45 8.76 -4.39
CA ALA C 74 7.66 8.03 -3.40
C ALA C 74 8.04 8.42 -1.96
N LEU C 75 7.04 8.56 -1.10
CA LEU C 75 7.28 8.62 0.34
C LEU C 75 7.07 7.22 0.88
N ILE C 76 8.18 6.55 1.17
CA ILE C 76 8.18 5.16 1.62
C ILE C 76 7.93 5.11 3.12
N LEU C 77 6.98 4.27 3.52
CA LEU C 77 6.74 3.94 4.93
C LEU C 77 6.95 2.46 5.09
N ASP C 78 8.01 2.07 5.81
CA ASP C 78 8.46 0.68 5.87
C ASP C 78 9.19 0.47 7.18
N TYR C 79 9.37 -0.79 7.61
CA TYR C 79 10.14 -1.05 8.83
C TYR C 79 11.57 -0.50 8.70
N THR C 80 12.07 -0.39 7.47
CA THR C 80 13.43 0.06 7.21
C THR C 80 13.61 1.57 7.27
N GLY C 81 12.51 2.32 7.32
CA GLY C 81 12.60 3.77 7.29
C GLY C 81 11.36 4.45 6.74
N ILE C 82 11.27 5.74 7.00
CA ILE C 82 10.25 6.61 6.44
C ILE C 82 11.02 7.69 5.67
N TYR C 83 11.02 7.60 4.34
CA TYR C 83 11.96 8.40 3.56
C TYR C 83 11.48 8.55 2.13
N LYS C 84 12.11 9.48 1.42
CA LYS C 84 11.73 9.87 0.08
C LYS C 84 12.73 9.28 -0.91
N ALA C 85 12.22 8.59 -1.92
CA ALA C 85 13.07 7.99 -2.95
C ALA C 85 12.26 7.65 -4.18
N ASP C 86 12.96 7.49 -5.31
CA ASP C 86 12.40 6.80 -6.47
C ASP C 86 12.55 5.28 -6.24
N ILE C 87 11.62 4.50 -6.78
CA ILE C 87 11.68 3.03 -6.69
C ILE C 87 11.75 2.45 -8.10
N GLY C 88 12.77 1.64 -8.34
CA GLY C 88 13.00 1.03 -9.66
C GLY C 88 12.70 -0.46 -9.64
N VAL C 89 11.92 -0.89 -10.61
CA VAL C 89 11.47 -2.27 -10.72
C VAL C 89 11.93 -2.84 -12.06
N LYS C 90 12.37 -4.11 -12.02
CA LYS C 90 12.80 -4.81 -13.21
C LYS C 90 12.57 -6.30 -13.00
N ASP C 91 12.07 -6.97 -14.03
CA ASP C 91 11.75 -8.41 -13.94
C ASP C 91 10.79 -8.72 -12.81
N GLY C 92 9.93 -7.75 -12.47
CA GLY C 92 8.93 -7.93 -11.42
C GLY C 92 9.41 -7.74 -10.00
N TYR C 93 10.68 -7.39 -9.83
CA TYR C 93 11.34 -7.23 -8.53
C TYR C 93 11.81 -5.80 -8.34
N ILE C 94 11.89 -5.38 -7.08
CA ILE C 94 12.50 -4.10 -6.74
C ILE C 94 14.00 -4.25 -6.92
N VAL C 95 14.58 -3.51 -7.87
CA VAL C 95 16.03 -3.59 -8.10
C VAL C 95 16.80 -2.39 -7.60
N GLY C 96 16.13 -1.27 -7.39
CA GLY C 96 16.80 -0.07 -6.92
C GLY C 96 15.85 0.80 -6.12
N ILE C 97 16.36 1.35 -5.03
CA ILE C 97 15.68 2.39 -4.29
C ILE C 97 16.67 3.53 -4.18
N GLY C 98 16.33 4.69 -4.71
CA GLY C 98 17.32 5.76 -4.80
C GLY C 98 16.85 6.87 -5.68
N LYS C 99 17.59 7.13 -6.76
CA LYS C 99 17.32 8.25 -7.64
C LYS C 99 17.40 7.77 -9.08
N GLY C 100 16.28 7.89 -9.80
CA GLY C 100 16.20 7.44 -11.18
C GLY C 100 16.36 8.57 -12.16
N GLY C 101 16.73 8.23 -13.39
CA GLY C 101 16.85 9.22 -14.44
C GLY C 101 17.92 8.85 -15.42
N ASN C 102 18.69 9.86 -15.84
CA ASN C 102 19.66 9.70 -16.91
C ASN C 102 21.04 10.18 -16.48
N PRO C 103 22.01 9.26 -16.29
CA PRO C 103 23.36 9.68 -15.90
C PRO C 103 24.09 10.56 -16.93
N ASP C 104 23.57 10.66 -18.16
CA ASP C 104 24.13 11.55 -19.18
C ASP C 104 24.23 12.98 -18.59
N ILE C 105 23.16 13.43 -17.93
CA ILE C 105 23.01 14.84 -17.57
C ILE C 105 22.61 15.12 -16.13
N MET C 106 22.21 14.11 -15.36
CA MET C 106 21.72 14.33 -14.00
C MET C 106 22.78 13.90 -13.00
N ASP C 107 22.87 14.61 -11.88
CA ASP C 107 23.71 14.20 -10.78
C ASP C 107 22.97 13.17 -9.91
N GLY C 108 23.74 12.27 -9.32
CA GLY C 108 23.24 11.40 -8.27
C GLY C 108 22.31 10.28 -8.70
N VAL C 109 22.37 9.86 -9.96
CA VAL C 109 21.51 8.77 -10.43
C VAL C 109 22.07 7.45 -9.93
N THR C 110 21.22 6.67 -9.29
CA THR C 110 21.58 5.33 -8.86
C THR C 110 21.92 4.50 -10.11
N PRO C 111 23.10 3.84 -10.15
CA PRO C 111 23.57 3.31 -11.45
C PRO C 111 22.65 2.35 -12.18
N ASN C 112 21.86 1.56 -11.46
CA ASN C 112 20.92 0.63 -12.10
C ASN C 112 19.49 1.16 -12.19
N MET C 113 19.31 2.48 -12.03
CA MET C 113 17.99 3.09 -12.11
C MET C 113 17.87 4.05 -13.28
N ILE C 114 18.34 3.59 -14.45
CA ILE C 114 18.24 4.40 -15.65
C ILE C 114 16.84 4.30 -16.23
N VAL C 115 16.23 5.47 -16.49
CA VAL C 115 15.00 5.54 -17.28
C VAL C 115 15.41 5.51 -18.74
N GLY C 116 14.97 4.46 -19.43
CA GLY C 116 15.32 4.27 -20.84
C GLY C 116 14.10 4.00 -21.68
N THR C 117 14.34 3.56 -22.89
CA THR C 117 13.25 3.25 -23.80
C THR C 117 12.29 2.23 -23.15
N ALA C 118 12.85 1.29 -22.38
CA ALA C 118 12.06 0.19 -21.80
C ALA C 118 11.24 0.56 -20.56
N THR C 119 11.32 1.81 -20.10
CA THR C 119 10.81 2.18 -18.79
C THR C 119 9.41 2.81 -18.81
N GLU C 120 8.50 2.19 -18.06
CA GLU C 120 7.19 2.76 -17.71
C GLU C 120 7.35 3.67 -16.48
N VAL C 121 6.45 4.64 -16.33
CA VAL C 121 6.50 5.55 -15.18
C VAL C 121 5.17 5.59 -14.43
N ILE C 122 5.28 5.45 -13.10
CA ILE C 122 4.18 5.73 -12.19
C ILE C 122 4.60 6.92 -11.33
N ALA C 123 3.75 7.94 -11.29
CA ALA C 123 4.02 9.12 -10.49
C ALA C 123 3.60 8.87 -9.04
N ALA C 124 4.57 8.82 -8.14
CA ALA C 124 4.27 8.63 -6.72
C ALA C 124 4.39 9.92 -5.90
N GLU C 125 4.70 11.06 -6.54
CA GLU C 125 4.78 12.34 -5.82
C GLU C 125 3.45 12.60 -5.12
N GLY C 126 3.53 12.86 -3.82
CA GLY C 126 2.35 13.10 -3.02
C GLY C 126 1.65 11.85 -2.51
N LYS C 127 2.21 10.69 -2.82
CA LYS C 127 1.67 9.40 -2.36
C LYS C 127 2.60 8.84 -1.30
N ILE C 128 2.01 8.07 -0.40
CA ILE C 128 2.73 7.18 0.50
C ILE C 128 2.74 5.80 -0.15
N VAL C 129 3.93 5.17 -0.18
CA VAL C 129 4.07 3.84 -0.76
C VAL C 129 4.51 2.89 0.34
N THR C 130 3.79 1.79 0.47
CA THR C 130 4.14 0.73 1.40
C THR C 130 4.23 -0.62 0.69
N ALA C 131 4.87 -1.55 1.35
CA ALA C 131 4.79 -2.94 0.95
C ALA C 131 3.33 -3.39 0.99
N GLY C 132 3.01 -4.35 0.15
CA GLY C 132 1.73 -5.02 0.25
C GLY C 132 1.59 -5.77 1.58
N GLY C 133 0.37 -5.75 2.11
CA GLY C 133 0.09 -6.42 3.34
C GLY C 133 0.16 -7.94 3.21
N ILE C 134 0.63 -8.57 4.27
CA ILE C 134 0.81 -10.01 4.34
C ILE C 134 -0.16 -10.51 5.41
N ASP C 135 -1.27 -11.10 4.96
CA ASP C 135 -2.30 -11.62 5.86
C ASP C 135 -2.11 -13.11 6.01
N THR C 136 -1.76 -13.52 7.23
CA THR C 136 -1.41 -14.91 7.51
C THR C 136 -2.51 -15.67 8.22
N HIS C 137 -3.69 -15.05 8.32
CA HIS C 137 -4.84 -15.74 8.92
C HIS C 137 -6.06 -15.60 8.01
N VAL C 138 -6.02 -16.30 6.89
CA VAL C 138 -7.08 -16.22 5.89
C VAL C 138 -7.85 -17.52 5.82
N HIS C 139 -9.17 -17.43 5.91
CA HIS C 139 -10.04 -18.56 5.61
C HIS C 139 -10.51 -18.41 4.19
N PHE C 140 -10.23 -19.40 3.35
CA PHE C 140 -10.67 -19.37 1.96
C PHE C 140 -12.10 -19.89 1.89
N ILE C 141 -13.03 -18.94 1.99
CA ILE C 141 -14.45 -19.22 2.12
C ILE C 141 -15.28 -18.72 0.93
N ASN C 142 -14.94 -17.54 0.39
CA ASN C 142 -15.71 -16.93 -0.69
C ASN C 142 -14.73 -16.19 -1.58
N PRO C 143 -14.59 -16.57 -2.86
CA PRO C 143 -13.59 -15.91 -3.72
C PRO C 143 -13.74 -14.39 -3.83
N ASP C 144 -14.93 -13.86 -3.56
CA ASP C 144 -15.16 -12.41 -3.53
C ASP C 144 -14.31 -11.71 -2.45
N GLN C 145 -13.74 -12.48 -1.52
CA GLN C 145 -12.89 -11.93 -0.48
C GLN C 145 -11.56 -11.39 -0.99
N VAL C 146 -11.14 -11.78 -2.20
CA VAL C 146 -9.85 -11.34 -2.70
C VAL C 146 -9.87 -9.83 -3.02
N ASP C 147 -10.88 -9.38 -3.75
CA ASP C 147 -10.95 -7.94 -4.07
C ASP C 147 -11.09 -7.11 -2.80
N VAL C 148 -11.81 -7.63 -1.81
CA VAL C 148 -11.96 -6.94 -0.54
C VAL C 148 -10.59 -6.70 0.09
N ALA C 149 -9.76 -7.73 0.07
CA ALA C 149 -8.39 -7.62 0.58
C ALA C 149 -7.52 -6.64 -0.22
N LEU C 150 -7.54 -6.76 -1.55
CA LEU C 150 -6.76 -5.88 -2.40
C LEU C 150 -7.11 -4.41 -2.16
N ALA C 151 -8.40 -4.13 -1.98
CA ALA C 151 -8.85 -2.74 -1.82
C ALA C 151 -8.28 -2.07 -0.58
N ASN C 152 -7.91 -2.85 0.45
CA ASN C 152 -7.25 -2.29 1.65
C ASN C 152 -5.77 -2.63 1.70
N GLY C 153 -5.17 -2.90 0.53
CA GLY C 153 -3.71 -3.00 0.43
C GLY C 153 -3.06 -4.30 0.84
N ILE C 154 -3.81 -5.40 0.80
CA ILE C 154 -3.28 -6.74 1.12
C ILE C 154 -2.90 -7.42 -0.19
N THR C 155 -1.70 -8.00 -0.22
CA THR C 155 -1.20 -8.63 -1.43
C THR C 155 -0.80 -10.11 -1.28
N THR C 156 -0.78 -10.62 -0.05
CA THR C 156 -0.52 -12.05 0.20
C THR C 156 -1.54 -12.59 1.18
N LEU C 157 -2.13 -13.72 0.83
CA LEU C 157 -3.08 -14.45 1.68
C LEU C 157 -2.51 -15.82 2.03
N PHE C 158 -2.24 -16.03 3.31
CA PHE C 158 -1.82 -17.32 3.83
C PHE C 158 -2.92 -17.84 4.73
N GLY C 159 -3.32 -19.09 4.52
CA GLY C 159 -4.37 -19.68 5.32
C GLY C 159 -4.86 -20.95 4.67
N GLY C 160 -6.13 -21.25 4.83
CA GLY C 160 -6.65 -22.49 4.29
C GLY C 160 -8.14 -22.45 4.13
N GLY C 161 -8.65 -23.44 3.40
CA GLY C 161 -10.07 -23.61 3.21
C GLY C 161 -10.39 -24.04 1.80
N THR C 162 -11.58 -24.60 1.64
CA THR C 162 -12.04 -25.14 0.37
C THR C 162 -13.32 -24.44 -0.13
N GLY C 163 -13.66 -23.30 0.45
CA GLY C 163 -14.96 -22.68 0.23
C GLY C 163 -15.80 -22.78 1.48
N PRO C 164 -17.12 -22.57 1.35
CA PRO C 164 -17.99 -22.47 2.52
C PRO C 164 -18.42 -23.82 3.10
N ALA C 165 -17.44 -24.69 3.33
CA ALA C 165 -17.61 -25.93 4.08
C ALA C 165 -17.39 -25.59 5.54
N GLU C 166 -18.10 -26.26 6.44
CA GLU C 166 -17.99 -25.96 7.86
C GLU C 166 -16.55 -26.06 8.39
N GLY C 167 -15.77 -27.03 7.92
CA GLY C 167 -14.38 -27.09 8.36
C GLY C 167 -13.61 -25.82 8.08
N SER C 168 -13.79 -25.30 6.87
CA SER C 168 -13.13 -24.08 6.39
C SER C 168 -13.71 -22.81 7.02
N LYS C 169 -15.02 -22.83 7.26
CA LYS C 169 -15.68 -21.69 7.89
C LYS C 169 -15.22 -21.52 9.35
N ALA C 170 -14.69 -22.58 9.95
CA ALA C 170 -14.16 -22.52 11.31
C ALA C 170 -12.63 -22.39 11.37
N THR C 171 -11.91 -23.04 10.43
CA THR C 171 -10.48 -23.26 10.57
C THR C 171 -9.72 -22.95 9.28
N THR C 172 -8.50 -22.43 9.40
CA THR C 172 -7.68 -22.14 8.22
C THR C 172 -6.97 -23.40 7.74
N VAL C 173 -7.77 -24.31 7.19
CA VAL C 173 -7.28 -25.65 6.89
C VAL C 173 -7.78 -26.10 5.54
N THR C 174 -6.84 -26.52 4.71
CA THR C 174 -7.14 -27.25 3.47
C THR C 174 -6.64 -28.68 3.71
N PRO C 175 -7.56 -29.61 4.01
CA PRO C 175 -7.08 -30.90 4.55
C PRO C 175 -6.71 -31.93 3.50
N GLY C 176 -5.53 -32.52 3.66
CA GLY C 176 -5.14 -33.66 2.87
C GLY C 176 -4.64 -33.37 1.47
N PRO C 177 -3.94 -34.34 0.88
CA PRO C 177 -3.37 -34.10 -0.44
C PRO C 177 -4.34 -33.70 -1.54
N TRP C 178 -5.54 -34.28 -1.58
CA TRP C 178 -6.46 -33.98 -2.67
C TRP C 178 -7.04 -32.57 -2.56
N ASN C 179 -7.53 -32.19 -1.38
CA ASN C 179 -8.04 -30.83 -1.22
C ASN C 179 -6.95 -29.79 -1.47
N ILE C 180 -5.72 -30.09 -1.04
CA ILE C 180 -4.61 -29.18 -1.28
C ILE C 180 -4.35 -29.03 -2.78
N GLU C 181 -4.29 -30.14 -3.51
CA GLU C 181 -4.10 -30.05 -4.96
C GLU C 181 -5.21 -29.23 -5.63
N LYS C 182 -6.45 -29.47 -5.22
CA LYS C 182 -7.57 -28.76 -5.82
C LYS C 182 -7.44 -27.25 -5.58
N MET C 183 -7.07 -26.86 -4.36
CA MET C 183 -6.95 -25.44 -4.03
C MET C 183 -5.73 -24.78 -4.66
N LEU C 184 -4.65 -25.55 -4.88
CA LEU C 184 -3.52 -25.02 -5.64
C LEU C 184 -3.94 -24.70 -7.08
N LYS C 185 -4.79 -25.55 -7.65
N LYS C 185 -4.80 -25.54 -7.65
CA LYS C 185 -5.33 -25.30 -8.99
CA LYS C 185 -5.33 -25.29 -8.99
C LYS C 185 -6.27 -24.08 -8.98
C LYS C 185 -6.33 -24.12 -9.03
N SER C 186 -7.14 -23.98 -7.98
CA SER C 186 -8.03 -22.83 -7.85
C SER C 186 -7.22 -21.53 -7.79
N THR C 187 -6.12 -21.58 -7.06
CA THR C 187 -5.25 -20.43 -6.83
C THR C 187 -4.72 -19.82 -8.14
N GLU C 188 -4.62 -20.62 -9.20
CA GLU C 188 -4.22 -20.12 -10.51
C GLU C 188 -5.11 -18.96 -11.00
N GLY C 189 -6.34 -18.88 -10.50
CA GLY C 189 -7.26 -17.79 -10.87
C GLY C 189 -7.46 -16.68 -9.85
N LEU C 190 -6.67 -16.68 -8.76
CA LEU C 190 -6.83 -15.69 -7.70
C LEU C 190 -5.75 -14.62 -7.85
N PRO C 191 -6.13 -13.36 -8.02
CA PRO C 191 -5.13 -12.33 -8.28
C PRO C 191 -4.48 -11.76 -7.01
N ILE C 192 -3.79 -12.63 -6.29
CA ILE C 192 -3.14 -12.28 -5.04
C ILE C 192 -2.14 -13.40 -4.75
N ASN C 193 -1.08 -13.14 -3.96
CA ASN C 193 -0.19 -14.24 -3.60
C ASN C 193 -0.90 -15.14 -2.60
N VAL C 194 -0.56 -16.44 -2.60
CA VAL C 194 -1.25 -17.41 -1.76
C VAL C 194 -0.27 -18.44 -1.20
N GLY C 195 -0.48 -18.82 0.06
CA GLY C 195 0.09 -20.04 0.63
C GLY C 195 -0.99 -20.79 1.39
N ILE C 196 -0.94 -22.12 1.34
CA ILE C 196 -2.02 -22.98 1.85
C ILE C 196 -1.55 -23.79 3.05
N LEU C 197 -2.36 -23.80 4.12
CA LEU C 197 -2.08 -24.55 5.34
C LEU C 197 -2.85 -25.85 5.36
N GLY C 198 -2.14 -26.93 5.68
CA GLY C 198 -2.78 -28.24 5.91
C GLY C 198 -3.28 -28.38 7.34
N LYS C 199 -3.96 -29.50 7.59
CA LYS C 199 -4.51 -29.79 8.91
C LYS C 199 -3.39 -30.29 9.82
N GLY C 200 -3.10 -29.53 10.87
CA GLY C 200 -2.08 -29.89 11.84
C GLY C 200 -2.59 -30.81 12.92
N HIS C 201 -3.15 -31.94 12.50
CA HIS C 201 -3.79 -32.89 13.40
C HIS C 201 -3.49 -34.29 12.99
N GLY C 202 -3.22 -35.11 14.00
CA GLY C 202 -2.87 -36.51 13.81
C GLY C 202 -2.02 -36.98 14.96
N SER C 203 -1.94 -38.29 15.12
CA SER C 203 -1.05 -38.91 16.10
C SER C 203 0.05 -39.74 15.45
N SER C 204 -0.01 -39.89 14.12
CA SER C 204 1.06 -40.44 13.31
C SER C 204 1.59 -39.32 12.41
N ILE C 205 2.86 -39.42 12.05
CA ILE C 205 3.51 -38.39 11.23
C ILE C 205 3.00 -38.39 9.79
N ALA C 206 2.85 -39.58 9.18
CA ALA C 206 2.61 -39.63 7.73
C ALA C 206 1.36 -38.88 7.24
N PRO C 207 0.21 -39.00 7.96
CA PRO C 207 -0.96 -38.27 7.45
C PRO C 207 -0.78 -36.75 7.46
N ILE C 208 0.04 -36.24 8.37
CA ILE C 208 0.31 -34.82 8.43
C ILE C 208 1.34 -34.44 7.36
N MET C 209 2.47 -35.16 7.32
CA MET C 209 3.53 -34.87 6.37
C MET C 209 3.10 -34.94 4.90
N GLU C 210 2.20 -35.87 4.56
CA GLU C 210 1.81 -35.99 3.15
C GLU C 210 1.15 -34.71 2.62
N GLN C 211 0.60 -33.89 3.53
CA GLN C 211 0.06 -32.59 3.12
C GLN C 211 1.15 -31.62 2.68
N ILE C 212 2.27 -31.64 3.41
CA ILE C 212 3.42 -30.81 3.07
C ILE C 212 3.97 -31.24 1.70
N ASP C 213 4.12 -32.54 1.50
CA ASP C 213 4.64 -33.06 0.23
C ASP C 213 3.69 -32.74 -0.93
N ALA C 214 2.39 -32.62 -0.65
CA ALA C 214 1.38 -32.32 -1.65
C ALA C 214 1.37 -30.87 -2.10
N GLY C 215 2.02 -29.99 -1.32
CA GLY C 215 2.11 -28.58 -1.67
C GLY C 215 1.69 -27.58 -0.62
N ALA C 216 1.28 -28.03 0.56
CA ALA C 216 1.01 -27.09 1.64
C ALA C 216 2.29 -26.32 2.00
N ALA C 217 2.07 -25.09 2.48
CA ALA C 217 3.13 -24.17 2.85
C ALA C 217 3.30 -24.04 4.37
N GLY C 218 2.51 -24.80 5.12
CA GLY C 218 2.49 -24.74 6.57
C GLY C 218 1.34 -25.56 7.09
N LEU C 219 1.14 -25.50 8.40
CA LEU C 219 0.08 -26.23 9.07
C LEU C 219 -0.69 -25.32 10.03
N KCX C 220 -1.96 -25.67 10.25
CA KCX C 220 -2.80 -25.05 11.28
CB KCX C 220 -4.03 -24.41 10.63
CG KCX C 220 -5.09 -23.91 11.64
CD KCX C 220 -4.61 -22.71 12.46
CE KCX C 220 -5.71 -22.07 13.32
NZ KCX C 220 -6.74 -21.48 12.48
C KCX C 220 -3.25 -26.10 12.27
O KCX C 220 -3.89 -27.09 11.91
CX KCX C 220 -7.68 -20.65 12.93
OQ1 KCX C 220 -7.62 -20.31 14.20
OQ2 KCX C 220 -8.57 -20.21 12.21
N ILE C 221 -2.90 -25.87 13.54
CA ILE C 221 -3.47 -26.61 14.67
C ILE C 221 -4.68 -25.80 15.14
N HIS C 222 -5.84 -26.42 15.17
CA HIS C 222 -7.09 -25.74 15.58
C HIS C 222 -7.86 -26.60 16.55
N GLU C 223 -8.35 -25.99 17.63
CA GLU C 223 -9.11 -26.77 18.60
C GLU C 223 -10.36 -27.48 18.03
N ASP C 224 -10.96 -26.95 16.97
CA ASP C 224 -12.14 -27.60 16.39
C ASP C 224 -11.80 -28.95 15.76
N TRP C 225 -10.51 -29.20 15.49
CA TRP C 225 -10.04 -30.53 15.04
C TRP C 225 -9.31 -31.31 16.15
N GLY C 226 -9.30 -30.76 17.37
CA GLY C 226 -8.61 -31.37 18.52
C GLY C 226 -7.20 -30.84 18.71
N ALA C 227 -7.06 -29.74 19.44
CA ALA C 227 -5.75 -29.11 19.71
C ALA C 227 -5.11 -29.78 20.91
N THR C 228 -4.86 -31.08 20.73
CA THR C 228 -4.38 -31.96 21.78
C THR C 228 -2.87 -31.92 21.86
N PRO C 229 -2.30 -32.37 22.99
CA PRO C 229 -0.85 -32.46 23.05
C PRO C 229 -0.24 -33.28 21.91
N ALA C 230 -0.90 -34.36 21.49
CA ALA C 230 -0.40 -35.17 20.39
C ALA C 230 -0.38 -34.42 19.05
N SER C 231 -1.49 -33.76 18.71
CA SER C 231 -1.54 -33.03 17.44
C SER C 231 -0.51 -31.90 17.41
N ILE C 232 -0.35 -31.21 18.54
CA ILE C 232 0.65 -30.15 18.64
C ILE C 232 2.04 -30.72 18.38
N ASP C 233 2.36 -31.80 19.08
CA ASP C 233 3.67 -32.41 18.97
C ASP C 233 3.98 -32.91 17.57
N ARG C 234 3.06 -33.65 16.97
CA ARG C 234 3.33 -34.21 15.65
C ARG C 234 3.47 -33.12 14.60
N SER C 235 2.62 -32.11 14.67
CA SER C 235 2.70 -30.99 13.74
C SER C 235 4.05 -30.29 13.80
N LEU C 236 4.57 -30.06 15.01
CA LEU C 236 5.84 -29.38 15.16
C LEU C 236 7.01 -30.27 14.71
N THR C 237 6.90 -31.59 14.94
CA THR C 237 7.90 -32.51 14.42
C THR C 237 7.95 -32.46 12.89
N VAL C 238 6.78 -32.48 12.25
CA VAL C 238 6.69 -32.31 10.80
C VAL C 238 7.32 -30.98 10.35
N ALA C 239 6.93 -29.89 11.02
CA ALA C 239 7.39 -28.56 10.63
C ALA C 239 8.89 -28.40 10.75
N ASP C 240 9.46 -28.97 11.80
CA ASP C 240 10.91 -28.92 11.97
C ASP C 240 11.64 -29.69 10.87
N GLU C 241 11.06 -30.77 10.36
CA GLU C 241 11.68 -31.52 9.26
C GLU C 241 11.50 -30.77 7.94
N ALA C 242 10.31 -30.21 7.74
CA ALA C 242 9.91 -29.63 6.45
C ALA C 242 10.28 -28.16 6.26
N ASP C 243 10.67 -27.49 7.33
CA ASP C 243 10.95 -26.05 7.31
C ASP C 243 9.75 -25.21 6.87
N VAL C 244 8.62 -25.45 7.52
CA VAL C 244 7.41 -24.64 7.34
C VAL C 244 6.91 -24.18 8.70
N GLN C 245 6.02 -23.19 8.70
CA GLN C 245 5.49 -22.69 9.95
C GLN C 245 4.22 -23.41 10.37
N VAL C 246 4.02 -23.46 11.68
CA VAL C 246 2.80 -23.95 12.30
C VAL C 246 2.09 -22.79 13.00
N ALA C 247 0.80 -22.62 12.70
CA ALA C 247 -0.07 -21.70 13.41
C ALA C 247 -0.89 -22.52 14.39
N ILE C 248 -1.14 -21.94 15.57
CA ILE C 248 -1.95 -22.62 16.58
C ILE C 248 -3.12 -21.76 17.07
N HIS C 249 -4.28 -22.40 17.13
CA HIS C 249 -5.45 -21.97 17.87
C HIS C 249 -5.64 -23.08 18.90
N SER C 250 -5.34 -22.74 20.15
CA SER C 250 -5.23 -23.70 21.24
C SER C 250 -6.58 -24.09 21.88
N ASP C 251 -6.49 -25.00 22.85
CA ASP C 251 -7.63 -25.64 23.51
C ASP C 251 -8.29 -24.68 24.53
N THR C 252 -9.23 -23.87 24.03
CA THR C 252 -9.98 -22.90 24.85
C THR C 252 -10.60 -23.56 26.06
N LEU C 253 -11.16 -24.73 25.82
CA LEU C 253 -11.85 -25.54 26.82
C LEU C 253 -10.96 -26.03 27.95
N ASN C 254 -9.65 -25.95 27.76
CA ASN C 254 -8.69 -26.56 28.68
C ASN C 254 -9.00 -28.05 28.88
N GLU C 255 -9.52 -28.67 27.83
CA GLU C 255 -10.02 -30.05 27.91
C GLU C 255 -8.92 -31.06 28.20
N ALA C 256 -7.83 -30.96 27.45
CA ALA C 256 -6.72 -31.88 27.62
C ALA C 256 -5.55 -31.25 28.36
N GLY C 257 -5.64 -29.95 28.63
CA GLY C 257 -4.56 -29.27 29.31
C GLY C 257 -4.86 -27.80 29.45
N PHE C 258 -4.13 -27.16 30.35
CA PHE C 258 -4.10 -25.70 30.48
C PHE C 258 -2.97 -25.15 29.58
N LEU C 259 -2.84 -23.83 29.53
CA LEU C 259 -1.80 -23.19 28.72
C LEU C 259 -0.43 -23.83 28.93
N GLU C 260 -0.08 -24.06 30.19
CA GLU C 260 1.25 -24.63 30.49
C GLU C 260 1.44 -26.00 29.84
N ASP C 261 0.36 -26.76 29.66
CA ASP C 261 0.45 -28.06 29.00
C ASP C 261 0.70 -27.92 27.51
N THR C 262 0.05 -26.94 26.88
CA THR C 262 0.31 -26.63 25.48
C THR C 262 1.74 -26.18 25.29
N LEU C 263 2.24 -25.32 26.18
CA LEU C 263 3.61 -24.88 26.06
C LEU C 263 4.61 -26.04 26.25
N ARG C 264 4.29 -26.97 27.15
CA ARG C 264 5.13 -28.15 27.34
C ARG C 264 5.16 -29.01 26.07
N ALA C 265 4.02 -29.20 25.43
CA ALA C 265 3.95 -29.94 24.16
C ALA C 265 4.76 -29.26 23.05
N ILE C 266 4.71 -27.94 23.01
CA ILE C 266 5.49 -27.16 22.03
C ILE C 266 6.98 -27.37 22.28
N ASN C 267 7.36 -27.44 23.56
CA ASN C 267 8.71 -27.82 23.96
C ASN C 267 9.79 -26.92 23.37
N GLY C 268 9.52 -25.62 23.34
CA GLY C 268 10.52 -24.64 22.90
C GLY C 268 10.65 -24.45 21.41
N ARG C 269 9.88 -25.22 20.65
CA ARG C 269 9.90 -25.11 19.19
C ARG C 269 9.14 -23.85 18.76
N VAL C 270 9.46 -23.38 17.55
N VAL C 270 9.51 -23.27 17.62
CA VAL C 270 8.87 -22.17 16.99
CA VAL C 270 8.87 -22.02 17.23
C VAL C 270 7.41 -22.35 16.61
C VAL C 270 7.47 -22.31 16.69
N ILE C 271 6.56 -21.38 16.97
CA ILE C 271 5.16 -21.49 16.59
C ILE C 271 4.57 -20.11 16.44
N HIS C 272 3.60 -19.99 15.54
CA HIS C 272 2.85 -18.75 15.34
C HIS C 272 1.53 -18.90 16.12
N SER C 273 1.38 -18.13 17.18
CA SER C 273 0.15 -18.11 17.97
C SER C 273 -0.82 -17.10 17.37
N PHE C 274 -1.87 -17.63 16.73
CA PHE C 274 -2.95 -16.83 16.17
C PHE C 274 -3.79 -16.16 17.28
N HIS C 275 -4.44 -15.04 16.93
CA HIS C 275 -5.39 -14.32 17.82
C HIS C 275 -5.04 -14.53 19.28
N VAL C 276 -3.87 -14.02 19.64
CA VAL C 276 -3.27 -14.36 20.91
C VAL C 276 -4.07 -13.81 22.09
N GLU C 277 -4.87 -12.76 21.87
CA GLU C 277 -5.74 -12.23 22.93
C GLU C 277 -6.79 -13.26 23.36
N GLY C 278 -7.30 -14.05 22.42
CA GLY C 278 -8.14 -15.18 22.75
C GLY C 278 -9.62 -15.11 22.39
N ALA C 279 -10.15 -13.94 21.99
CA ALA C 279 -11.53 -13.91 21.49
C ALA C 279 -11.67 -14.85 20.30
N GLY C 280 -10.66 -14.85 19.43
CA GLY C 280 -10.60 -15.78 18.31
C GLY C 280 -10.22 -17.21 18.65
N GLY C 281 -9.92 -17.47 19.91
CA GLY C 281 -9.70 -18.82 20.37
C GLY C 281 -8.44 -19.00 21.18
N GLY C 282 -8.55 -19.86 22.18
CA GLY C 282 -7.39 -20.31 22.94
C GLY C 282 -7.68 -20.44 24.41
N HIS C 283 -6.84 -21.21 25.08
CA HIS C 283 -6.92 -21.45 26.53
C HIS C 283 -7.55 -20.28 27.28
N ALA C 284 -8.73 -20.51 27.85
CA ALA C 284 -9.44 -19.45 28.57
C ALA C 284 -9.01 -19.45 30.03
N PRO C 285 -8.69 -18.29 30.61
CA PRO C 285 -8.71 -16.94 30.05
C PRO C 285 -7.33 -16.42 29.65
N ASP C 286 -6.31 -17.27 29.74
CA ASP C 286 -4.92 -16.81 29.84
C ASP C 286 -4.03 -17.02 28.62
N ILE C 287 -4.62 -17.41 27.49
N ILE C 287 -4.62 -17.37 27.48
CA ILE C 287 -3.88 -17.62 26.26
CA ILE C 287 -3.83 -17.65 26.28
C ILE C 287 -2.91 -16.48 25.91
C ILE C 287 -2.95 -16.48 25.81
N MET C 288 -3.29 -15.24 26.17
CA MET C 288 -2.45 -14.11 25.74
C MET C 288 -1.05 -14.09 26.37
N ALA C 289 -0.89 -14.82 27.48
CA ALA C 289 0.43 -15.02 28.05
C ALA C 289 1.44 -15.68 27.09
N MET C 290 0.94 -16.36 26.06
N MET C 290 0.96 -16.35 26.05
CA MET C 290 1.80 -16.87 24.98
CA MET C 290 1.87 -16.88 25.03
C MET C 290 2.75 -15.80 24.46
C MET C 290 2.75 -15.81 24.39
N ALA C 291 2.26 -14.57 24.33
CA ALA C 291 3.00 -13.48 23.68
C ALA C 291 4.23 -13.00 24.45
N GLY C 292 4.45 -13.54 25.65
CA GLY C 292 5.65 -13.25 26.41
C GLY C 292 6.85 -14.12 26.07
N HIS C 293 6.60 -15.24 25.40
CA HIS C 293 7.63 -16.30 25.23
C HIS C 293 8.53 -16.12 24.01
N PRO C 294 9.82 -16.51 24.13
CA PRO C 294 10.78 -16.24 23.06
C PRO C 294 10.57 -17.07 21.80
N ASN C 295 9.91 -18.23 21.93
CA ASN C 295 9.67 -19.11 20.79
C ASN C 295 8.31 -18.90 20.12
N VAL C 296 7.56 -17.91 20.59
CA VAL C 296 6.24 -17.63 20.06
C VAL C 296 6.27 -16.39 19.18
N LEU C 297 5.67 -16.52 18.00
CA LEU C 297 5.45 -15.40 17.09
C LEU C 297 3.98 -15.05 17.20
N PRO C 298 3.63 -13.96 17.92
CA PRO C 298 2.22 -13.73 18.26
C PRO C 298 1.54 -12.75 17.33
N SER C 299 0.35 -13.11 16.85
CA SER C 299 -0.50 -12.22 16.08
C SER C 299 -1.86 -12.01 16.73
N SER C 300 -2.48 -10.89 16.39
CA SER C 300 -3.89 -10.64 16.63
C SER C 300 -4.68 -10.82 15.36
N THR C 301 -5.96 -11.16 15.53
CA THR C 301 -6.95 -11.02 14.46
C THR C 301 -7.71 -9.70 14.67
N ASN C 302 -8.49 -9.28 13.67
CA ASN C 302 -8.91 -7.90 13.67
C ASN C 302 -10.20 -7.44 14.36
N PRO C 303 -11.16 -8.35 14.70
CA PRO C 303 -12.36 -7.74 15.30
C PRO C 303 -12.17 -7.13 16.69
N THR C 304 -11.13 -7.52 17.42
CA THR C 304 -10.85 -6.89 18.71
C THR C 304 -10.00 -5.62 18.56
N ARG C 305 -9.66 -5.25 17.33
CA ARG C 305 -8.72 -4.15 17.10
C ARG C 305 -9.42 -2.89 16.60
N PRO C 306 -9.33 -1.78 17.35
CA PRO C 306 -8.93 -1.64 18.74
C PRO C 306 -10.15 -1.81 19.65
N PHE C 307 -9.97 -1.60 20.95
CA PHE C 307 -11.05 -1.78 21.91
C PHE C 307 -12.06 -0.61 21.80
N THR C 308 -13.28 -0.90 21.38
CA THR C 308 -14.29 0.12 21.24
C THR C 308 -15.55 -0.25 22.00
N VAL C 309 -16.45 0.71 22.13
CA VAL C 309 -17.67 0.51 22.93
C VAL C 309 -18.62 -0.54 22.34
N ASN C 310 -18.52 -0.82 21.04
CA ASN C 310 -19.35 -1.85 20.41
C ASN C 310 -18.66 -3.23 20.26
N THR C 311 -17.38 -3.33 20.60
CA THR C 311 -16.61 -4.55 20.37
C THR C 311 -17.23 -5.78 21.03
N ILE C 312 -17.52 -5.70 22.31
CA ILE C 312 -18.01 -6.88 23.03
C ILE C 312 -19.35 -7.34 22.48
N ASP C 313 -20.26 -6.40 22.22
CA ASP C 313 -21.63 -6.76 21.86
C ASP C 313 -21.75 -7.53 20.55
N GLU C 314 -20.83 -7.34 19.61
CA GLU C 314 -20.89 -8.07 18.33
C GLU C 314 -20.40 -9.52 18.42
N HIS C 315 -19.64 -9.86 19.45
CA HIS C 315 -18.82 -11.07 19.42
C HIS C 315 -19.53 -12.41 19.67
N LEU C 316 -20.50 -12.47 20.58
CA LEU C 316 -21.08 -13.77 20.91
C LEU C 316 -21.71 -14.44 19.70
N ASP C 317 -22.58 -13.73 18.98
CA ASP C 317 -23.27 -14.32 17.84
C ASP C 317 -22.30 -14.64 16.71
N MET C 318 -21.28 -13.80 16.56
CA MET C 318 -20.23 -14.03 15.56
C MET C 318 -19.54 -15.38 15.78
N LEU C 319 -19.18 -15.63 17.04
CA LEU C 319 -18.48 -16.84 17.45
C LEU C 319 -19.37 -18.09 17.26
N MET C 320 -20.63 -17.98 17.69
N MET C 320 -20.64 -18.01 17.65
CA MET C 320 -21.61 -19.07 17.56
CA MET C 320 -21.51 -19.17 17.55
C MET C 320 -21.71 -19.55 16.12
C MET C 320 -21.82 -19.57 16.10
N VAL C 321 -21.80 -18.60 15.18
CA VAL C 321 -21.90 -18.94 13.74
C VAL C 321 -20.61 -19.60 13.26
N CYS C 322 -19.48 -18.98 13.56
CA CYS C 322 -18.19 -19.43 13.05
C CYS C 322 -17.87 -20.87 13.46
N HIS C 323 -18.13 -21.20 14.73
CA HIS C 323 -17.75 -22.50 15.29
C HIS C 323 -18.87 -23.51 15.38
N HIS C 324 -19.97 -23.20 14.68
CA HIS C 324 -21.05 -24.17 14.45
C HIS C 324 -21.65 -24.61 15.78
N LEU C 325 -21.98 -23.61 16.60
CA LEU C 325 -22.50 -23.82 17.95
C LEU C 325 -23.99 -23.54 18.00
N LYS C 326 -24.65 -24.06 19.03
CA LYS C 326 -26.09 -23.94 19.16
C LYS C 326 -26.47 -23.16 20.42
N GLN C 327 -27.35 -22.17 20.26
CA GLN C 327 -27.81 -21.32 21.35
C GLN C 327 -28.48 -22.10 22.48
N ASN C 328 -29.10 -23.22 22.14
CA ASN C 328 -29.84 -24.02 23.12
C ASN C 328 -29.00 -25.06 23.89
N ILE C 329 -27.69 -25.08 23.62
N ILE C 329 -27.69 -25.08 23.65
CA ILE C 329 -26.76 -25.93 24.37
CA ILE C 329 -26.77 -25.96 24.37
C ILE C 329 -25.98 -25.03 25.33
C ILE C 329 -25.93 -25.11 25.33
N PRO C 330 -26.24 -25.16 26.65
CA PRO C 330 -25.58 -24.23 27.59
C PRO C 330 -24.06 -24.24 27.56
N GLU C 331 -23.46 -25.41 27.36
CA GLU C 331 -22.01 -25.49 27.33
C GLU C 331 -21.40 -24.89 26.06
N ASP C 332 -22.17 -24.86 24.95
CA ASP C 332 -21.75 -24.14 23.74
C ASP C 332 -21.65 -22.63 24.04
N VAL C 333 -22.71 -22.10 24.67
CA VAL C 333 -22.75 -20.70 25.03
C VAL C 333 -21.66 -20.37 26.04
N ALA C 334 -21.42 -21.27 27.01
CA ALA C 334 -20.40 -21.04 28.02
C ALA C 334 -19.00 -20.98 27.40
N PHE C 335 -18.73 -21.86 26.45
CA PHE C 335 -17.48 -21.86 25.69
C PHE C 335 -17.31 -20.54 24.95
N ALA C 336 -18.34 -20.14 24.22
CA ALA C 336 -18.29 -18.86 23.50
C ALA C 336 -18.04 -17.67 24.45
N ASP C 337 -18.84 -17.60 25.52
N ASP C 337 -18.84 -17.59 25.52
CA ASP C 337 -18.73 -16.54 26.50
CA ASP C 337 -18.71 -16.50 26.51
C ASP C 337 -17.33 -16.49 27.12
C ASP C 337 -17.33 -16.48 27.16
N SER C 338 -16.72 -17.65 27.35
CA SER C 338 -15.40 -17.73 27.99
C SER C 338 -14.31 -17.04 27.19
N ARG C 339 -14.52 -16.90 25.88
CA ARG C 339 -13.57 -16.27 25.01
C ARG C 339 -13.65 -14.76 24.95
N ILE C 340 -14.72 -14.16 25.49
CA ILE C 340 -15.03 -12.75 25.26
C ILE C 340 -14.84 -11.96 26.55
N ARG C 341 -13.75 -11.19 26.62
CA ARG C 341 -13.30 -10.54 27.85
C ARG C 341 -12.83 -9.12 27.56
N PRO C 342 -13.52 -8.10 28.09
CA PRO C 342 -13.00 -6.74 27.88
C PRO C 342 -11.61 -6.53 28.49
N GLU C 343 -11.28 -7.28 29.54
CA GLU C 343 -10.00 -7.09 30.23
C GLU C 343 -8.82 -7.43 29.32
N THR C 344 -8.94 -8.52 28.59
CA THR C 344 -7.84 -8.93 27.72
C THR C 344 -7.82 -8.13 26.41
N ILE C 345 -8.98 -7.73 25.91
CA ILE C 345 -9.05 -6.89 24.71
C ILE C 345 -8.39 -5.53 24.99
N ALA C 346 -8.69 -4.94 26.14
CA ALA C 346 -8.07 -3.67 26.49
C ALA C 346 -6.55 -3.81 26.61
N ALA C 347 -6.10 -4.88 27.26
CA ALA C 347 -4.66 -5.12 27.39
C ALA C 347 -3.99 -5.38 26.04
N GLU C 348 -4.73 -6.00 25.12
CA GLU C 348 -4.22 -6.28 23.78
C GLU C 348 -3.82 -4.99 23.04
N ASP C 349 -4.60 -3.91 23.21
CA ASP C 349 -4.23 -2.62 22.60
C ASP C 349 -2.82 -2.23 23.08
N ILE C 350 -2.64 -2.31 24.39
CA ILE C 350 -1.39 -1.88 25.00
C ILE C 350 -0.22 -2.79 24.62
N LEU C 351 -0.47 -4.09 24.59
CA LEU C 351 0.58 -5.03 24.18
C LEU C 351 1.05 -4.79 22.74
N HIS C 352 0.14 -4.37 21.86
CA HIS C 352 0.57 -3.94 20.54
C HIS C 352 1.48 -2.74 20.60
N ASP C 353 1.09 -1.77 21.40
CA ASP C 353 1.83 -0.52 21.48
C ASP C 353 3.22 -0.72 22.07
N LEU C 354 3.36 -1.71 22.96
CA LEU C 354 4.63 -2.05 23.60
C LEU C 354 5.52 -2.96 22.77
N GLY C 355 5.04 -3.44 21.63
CA GLY C 355 5.83 -4.36 20.80
C GLY C 355 5.88 -5.78 21.32
N ILE C 356 4.87 -6.16 22.11
CA ILE C 356 4.76 -7.50 22.66
C ILE C 356 3.88 -8.41 21.78
N ILE C 357 2.89 -7.85 21.08
CA ILE C 357 2.22 -8.59 20.00
C ILE C 357 2.81 -8.04 18.70
N SER C 358 3.32 -8.94 17.86
CA SER C 358 4.18 -8.58 16.75
C SER C 358 3.50 -8.43 15.40
N MET C 359 2.29 -8.97 15.28
CA MET C 359 1.63 -9.11 13.99
C MET C 359 0.13 -8.83 14.11
N MET C 360 -0.43 -8.37 12.99
CA MET C 360 -1.85 -8.28 12.76
C MET C 360 -2.20 -9.30 11.68
N SER C 361 -3.49 -9.60 11.55
CA SER C 361 -4.01 -10.55 10.58
C SER C 361 -5.52 -10.31 10.53
N THR C 362 -6.21 -10.88 9.54
CA THR C 362 -7.67 -10.66 9.47
C THR C 362 -8.52 -11.65 10.22
N ASP C 363 -8.32 -12.95 9.97
CA ASP C 363 -9.29 -14.01 10.26
C ASP C 363 -10.49 -13.93 9.30
N ALA C 364 -10.20 -13.55 8.05
CA ALA C 364 -11.20 -13.28 7.02
C ALA C 364 -12.34 -14.29 7.01
N LEU C 365 -13.55 -13.78 7.25
CA LEU C 365 -14.80 -14.53 7.13
C LEU C 365 -15.02 -15.60 8.19
N ALA C 366 -14.14 -15.66 9.19
CA ALA C 366 -14.27 -16.61 10.30
C ALA C 366 -13.85 -15.90 11.61
N MET C 367 -14.66 -14.91 11.98
N MET C 367 -14.68 -14.93 12.00
CA MET C 367 -14.38 -13.92 13.03
CA MET C 367 -14.37 -13.93 13.03
C MET C 367 -13.27 -12.95 12.62
C MET C 367 -13.25 -12.99 12.60
N GLY C 368 -13.43 -12.37 11.44
CA GLY C 368 -12.48 -11.38 10.95
C GLY C 368 -12.87 -10.80 9.63
N ARG C 369 -12.34 -9.61 9.36
CA ARG C 369 -12.77 -8.81 8.23
C ARG C 369 -11.63 -8.69 7.22
N ALA C 370 -11.87 -9.29 6.05
CA ALA C 370 -10.84 -9.44 5.01
C ALA C 370 -10.17 -8.16 4.58
N GLY C 371 -10.88 -7.03 4.68
CA GLY C 371 -10.38 -5.76 4.18
C GLY C 371 -10.09 -4.75 5.25
N GLU C 372 -9.83 -5.21 6.48
CA GLU C 372 -9.62 -4.28 7.60
C GLU C 372 -8.37 -4.54 8.44
N MET C 373 -7.43 -5.37 7.97
CA MET C 373 -6.17 -5.55 8.72
C MET C 373 -5.37 -4.27 8.81
N VAL C 374 -5.13 -3.66 7.66
CA VAL C 374 -4.37 -2.42 7.60
C VAL C 374 -5.14 -1.31 8.34
N LEU C 375 -6.42 -1.18 8.00
CA LEU C 375 -7.30 -0.18 8.60
C LEU C 375 -7.20 -0.15 10.13
N ARG C 376 -7.39 -1.33 10.73
CA ARG C 376 -7.46 -1.42 12.19
C ARG C 376 -6.10 -1.34 12.88
N THR C 377 -5.03 -1.63 12.15
CA THR C 377 -3.69 -1.40 12.66
C THR C 377 -3.52 0.09 12.99
N TRP C 378 -3.88 0.95 12.04
CA TRP C 378 -3.69 2.39 12.21
C TRP C 378 -4.68 2.98 13.22
N GLN C 379 -5.90 2.46 13.25
CA GLN C 379 -6.85 2.89 14.28
C GLN C 379 -6.33 2.56 15.68
N THR C 380 -5.67 1.40 15.82
CA THR C 380 -5.06 1.04 17.10
C THR C 380 -3.94 2.00 17.46
N ALA C 381 -3.02 2.25 16.53
CA ALA C 381 -1.93 3.20 16.78
C ALA C 381 -2.43 4.57 17.19
N ASP C 382 -3.46 5.04 16.51
CA ASP C 382 -4.06 6.33 16.81
C ASP C 382 -4.68 6.37 18.21
N LYS C 383 -5.40 5.31 18.57
CA LYS C 383 -6.00 5.22 19.89
C LYS C 383 -4.93 5.25 20.97
N MET C 384 -3.85 4.51 20.74
CA MET C 384 -2.76 4.47 21.70
C MET C 384 -2.03 5.79 21.82
N LYS C 385 -1.83 6.52 20.73
CA LYS C 385 -1.26 7.86 20.85
C LYS C 385 -2.18 8.76 21.72
N LYS C 386 -3.48 8.70 21.47
CA LYS C 386 -4.44 9.53 22.21
C LYS C 386 -4.47 9.19 23.71
N GLN C 387 -4.38 7.90 24.04
CA GLN C 387 -4.51 7.45 25.43
C GLN C 387 -3.20 7.33 26.20
N ARG C 388 -2.13 6.96 25.50
N ARG C 388 -2.10 7.02 25.53
CA ARG C 388 -0.80 6.74 26.11
CA ARG C 388 -0.81 6.85 26.21
C ARG C 388 0.16 7.92 25.89
C ARG C 388 0.27 7.83 25.77
N GLY C 389 -0.07 8.72 24.84
CA GLY C 389 0.83 9.81 24.43
C GLY C 389 1.83 9.34 23.37
N PRO C 390 2.63 10.27 22.83
CA PRO C 390 3.74 9.87 21.96
C PRO C 390 4.64 8.88 22.71
N LEU C 391 5.20 7.91 22.00
CA LEU C 391 6.15 6.97 22.62
C LEU C 391 7.41 7.74 23.02
N ALA C 392 8.11 7.25 24.05
CA ALA C 392 9.32 7.92 24.55
C ALA C 392 10.40 8.02 23.48
N GLU C 393 10.37 7.06 22.54
CA GLU C 393 11.34 6.95 21.48
C GLU C 393 11.21 8.03 20.38
N GLU C 394 10.08 8.75 20.35
CA GLU C 394 9.82 9.73 19.29
C GLU C 394 10.66 11.00 19.42
N LYS C 395 10.77 11.73 18.31
CA LYS C 395 11.45 13.04 18.29
C LYS C 395 10.80 14.00 17.28
N ASN C 396 11.06 15.30 17.45
CA ASN C 396 10.49 16.38 16.62
C ASN C 396 8.97 16.36 16.41
N GLY C 397 8.23 15.82 17.38
CA GLY C 397 6.78 15.80 17.29
C GLY C 397 6.21 14.82 16.27
N SER C 398 7.06 13.94 15.73
CA SER C 398 6.59 12.95 14.77
C SER C 398 6.25 11.65 15.47
N ASP C 399 5.50 10.81 14.76
CA ASP C 399 5.13 9.49 15.26
C ASP C 399 5.84 8.38 14.50
N ASN C 400 7.04 8.66 14.02
CA ASN C 400 7.78 7.70 13.20
C ASN C 400 8.07 6.37 13.87
N PHE C 401 8.40 6.39 15.16
CA PHE C 401 8.70 5.14 15.86
C PHE C 401 7.45 4.27 15.93
N ARG C 402 6.35 4.86 16.37
CA ARG C 402 5.10 4.14 16.35
C ARG C 402 4.74 3.68 14.94
N ALA C 403 4.91 4.52 13.94
CA ALA C 403 4.56 4.13 12.57
C ALA C 403 5.39 2.92 12.09
N LYS C 404 6.67 2.90 12.41
CA LYS C 404 7.49 1.73 12.05
C LYS C 404 7.08 0.48 12.83
N ARG C 405 6.81 0.65 14.12
CA ARG C 405 6.34 -0.48 14.93
C ARG C 405 5.06 -1.08 14.36
N TYR C 406 4.12 -0.21 13.96
CA TYR C 406 2.84 -0.70 13.51
C TYR C 406 2.86 -1.19 12.05
N VAL C 407 3.56 -0.51 11.14
CA VAL C 407 3.59 -1.02 9.76
C VAL C 407 4.21 -2.43 9.72
N SER C 408 5.16 -2.69 10.61
CA SER C 408 5.84 -3.99 10.65
C SER C 408 4.88 -5.13 10.97
N LYS C 409 3.79 -4.81 11.69
CA LYS C 409 2.85 -5.82 12.13
C LYS C 409 2.12 -6.51 10.98
N TYR C 410 1.95 -5.81 9.86
CA TYR C 410 1.20 -6.38 8.74
C TYR C 410 2.01 -6.50 7.45
N THR C 411 3.30 -6.20 7.50
CA THR C 411 4.18 -6.32 6.35
C THR C 411 5.28 -7.35 6.66
N ILE C 412 6.36 -6.90 7.29
CA ILE C 412 7.56 -7.73 7.39
C ILE C 412 7.39 -8.87 8.38
N ASN C 413 6.71 -8.62 9.50
CA ASN C 413 6.68 -9.65 10.54
C ASN C 413 5.92 -10.91 10.14
N PRO C 414 4.72 -10.77 9.55
CA PRO C 414 4.07 -11.99 9.07
C PRO C 414 4.89 -12.72 8.00
N ALA C 415 5.59 -11.97 7.16
CA ALA C 415 6.44 -12.60 6.13
C ALA C 415 7.59 -13.40 6.78
N ILE C 416 8.23 -12.82 7.78
CA ILE C 416 9.28 -13.53 8.53
C ILE C 416 8.69 -14.78 9.20
N ALA C 417 7.54 -14.63 9.85
CA ALA C 417 6.93 -15.77 10.55
C ALA C 417 6.66 -16.95 9.62
N GLN C 418 6.23 -16.63 8.39
N GLN C 418 6.20 -16.68 8.39
CA GLN C 418 5.81 -17.64 7.43
CA GLN C 418 5.83 -17.77 7.49
C GLN C 418 6.98 -18.25 6.63
C GLN C 418 6.95 -18.19 6.54
N GLY C 419 8.15 -17.64 6.71
CA GLY C 419 9.30 -18.08 5.90
C GLY C 419 9.29 -17.59 4.47
N ILE C 420 8.71 -16.40 4.25
CA ILE C 420 8.57 -15.85 2.91
C ILE C 420 9.15 -14.45 2.77
N ALA C 421 9.87 -13.98 3.79
CA ALA C 421 10.39 -12.61 3.77
C ALA C 421 11.57 -12.40 2.80
N HIS C 422 12.12 -13.48 2.26
CA HIS C 422 13.08 -13.34 1.15
C HIS C 422 12.40 -12.84 -0.13
N GLU C 423 11.09 -13.04 -0.23
CA GLU C 423 10.31 -12.61 -1.41
C GLU C 423 9.47 -11.35 -1.19
N VAL C 424 8.77 -11.29 -0.06
CA VAL C 424 7.76 -10.26 0.14
C VAL C 424 7.85 -9.66 1.55
N GLY C 425 7.03 -8.64 1.80
CA GLY C 425 6.89 -8.10 3.15
C GLY C 425 7.57 -6.79 3.44
N SER C 426 8.37 -6.28 2.50
CA SER C 426 9.00 -4.97 2.69
C SER C 426 9.48 -4.39 1.39
N ILE C 427 9.67 -3.08 1.40
CA ILE C 427 10.23 -2.36 0.26
C ILE C 427 11.75 -2.37 0.40
N GLU C 428 12.37 -3.42 -0.15
CA GLU C 428 13.80 -3.58 -0.15
C GLU C 428 14.25 -4.13 -1.48
N GLU C 429 15.46 -3.75 -1.88
CA GLU C 429 16.05 -4.25 -3.12
C GLU C 429 16.15 -5.77 -3.06
N GLY C 430 15.79 -6.41 -4.17
CA GLY C 430 15.83 -7.84 -4.29
C GLY C 430 14.53 -8.56 -3.97
N LYS C 431 13.51 -7.81 -3.51
N LYS C 431 13.51 -7.81 -3.52
CA LYS C 431 12.21 -8.38 -3.18
CA LYS C 431 12.22 -8.42 -3.18
C LYS C 431 11.19 -8.14 -4.28
C LYS C 431 11.18 -8.13 -4.25
N PHE C 432 10.14 -8.95 -4.25
CA PHE C 432 9.10 -8.91 -5.29
C PHE C 432 8.39 -7.56 -5.22
N ALA C 433 8.06 -7.00 -6.38
CA ALA C 433 7.49 -5.66 -6.44
C ALA C 433 5.97 -5.65 -6.21
N ASP C 434 5.62 -5.97 -4.97
CA ASP C 434 4.26 -5.84 -4.45
C ASP C 434 4.22 -4.53 -3.66
N LEU C 435 3.59 -3.52 -4.24
CA LEU C 435 3.66 -2.15 -3.72
C LEU C 435 2.26 -1.56 -3.71
N VAL C 436 1.97 -0.77 -2.69
CA VAL C 436 0.67 -0.11 -2.57
C VAL C 436 0.89 1.39 -2.50
N LEU C 437 0.25 2.11 -3.41
CA LEU C 437 0.23 3.57 -3.39
C LEU C 437 -1.02 4.03 -2.66
N TRP C 438 -0.85 5.01 -1.77
CA TRP C 438 -1.95 5.60 -1.02
C TRP C 438 -1.90 7.11 -1.16
N GLU C 439 -3.05 7.73 -1.43
CA GLU C 439 -3.16 9.17 -1.15
C GLU C 439 -3.18 9.33 0.37
N PRO C 440 -2.41 10.29 0.91
CA PRO C 440 -2.40 10.43 2.37
C PRO C 440 -3.80 10.58 3.00
N LYS C 441 -4.72 11.26 2.31
CA LYS C 441 -6.07 11.43 2.85
C LYS C 441 -6.82 10.10 2.97
N PHE C 442 -6.42 9.10 2.18
CA PHE C 442 -7.04 7.77 2.22
C PHE C 442 -6.11 6.71 2.84
N PHE C 443 -5.02 7.11 3.48
CA PHE C 443 -4.01 6.16 3.91
C PHE C 443 -4.60 5.14 4.88
N GLY C 444 -4.36 3.86 4.58
CA GLY C 444 -4.88 2.78 5.39
C GLY C 444 -6.35 2.47 5.21
N VAL C 445 -7.04 3.24 4.37
CA VAL C 445 -8.48 3.12 4.20
C VAL C 445 -8.79 2.52 2.84
N LYS C 446 -8.42 3.22 1.78
CA LYS C 446 -8.64 2.76 0.42
C LYS C 446 -7.40 2.99 -0.43
N ALA C 447 -6.81 1.88 -0.88
CA ALA C 447 -5.61 1.95 -1.70
C ALA C 447 -5.90 2.62 -3.04
N ASP C 448 -4.93 3.41 -3.52
N ASP C 448 -4.93 3.40 -3.53
CA ASP C 448 -5.01 4.06 -4.83
CA ASP C 448 -5.05 4.03 -4.84
C ASP C 448 -4.74 3.04 -5.95
C ASP C 448 -4.75 3.03 -5.96
N ARG C 449 -3.55 2.45 -5.90
CA ARG C 449 -3.11 1.46 -6.88
C ARG C 449 -2.31 0.40 -6.14
N VAL C 450 -2.60 -0.86 -6.47
CA VAL C 450 -1.90 -2.01 -5.91
C VAL C 450 -1.12 -2.66 -7.05
N ILE C 451 0.20 -2.64 -6.91
CA ILE C 451 1.12 -3.21 -7.87
C ILE C 451 1.49 -4.61 -7.40
N LYS C 452 1.38 -5.58 -8.31
CA LYS C 452 1.71 -6.98 -8.03
C LYS C 452 2.74 -7.44 -9.05
N GLY C 453 3.90 -7.84 -8.57
CA GLY C 453 4.97 -8.26 -9.48
C GLY C 453 5.29 -7.24 -10.55
N GLY C 454 5.22 -5.95 -10.21
CA GLY C 454 5.57 -4.90 -11.16
C GLY C 454 4.49 -4.43 -12.13
N ILE C 455 3.29 -4.98 -12.03
CA ILE C 455 2.16 -4.52 -12.85
C ILE C 455 0.98 -4.17 -11.94
N ILE C 456 0.27 -3.10 -12.26
CA ILE C 456 -0.89 -2.75 -11.46
C ILE C 456 -1.97 -3.83 -11.59
N ALA C 457 -2.39 -4.34 -10.43
CA ALA C 457 -3.41 -5.39 -10.35
C ALA C 457 -4.79 -4.86 -9.93
N TYR C 458 -4.82 -3.78 -9.15
CA TYR C 458 -6.06 -3.26 -8.62
C TYR C 458 -5.92 -1.76 -8.48
N ALA C 459 -6.98 -1.02 -8.77
CA ALA C 459 -6.93 0.43 -8.68
C ALA C 459 -8.28 1.03 -8.43
N GLN C 460 -8.28 2.15 -7.71
CA GLN C 460 -9.45 3.01 -7.58
C GLN C 460 -9.47 3.89 -8.81
N ILE C 461 -10.41 3.64 -9.71
N ILE C 461 -10.38 3.59 -9.74
CA ILE C 461 -10.42 4.33 -10.97
CA ILE C 461 -10.45 4.27 -11.02
C ILE C 461 -11.87 4.48 -11.45
C ILE C 461 -11.88 4.44 -11.49
N GLY C 462 -12.09 5.48 -12.29
CA GLY C 462 -13.43 5.86 -12.71
C GLY C 462 -13.95 5.27 -14.02
N ASP C 463 -14.92 5.99 -14.56
CA ASP C 463 -15.73 5.63 -15.71
C ASP C 463 -14.88 5.11 -16.87
N PRO C 464 -15.02 3.81 -17.22
CA PRO C 464 -14.25 3.28 -18.35
C PRO C 464 -14.66 3.81 -19.71
N SER C 465 -15.81 4.47 -19.78
N SER C 465 -15.82 4.48 -19.79
CA SER C 465 -16.30 5.07 -21.03
CA SER C 465 -16.29 5.06 -21.03
C SER C 465 -15.93 6.54 -21.17
C SER C 465 -15.88 6.52 -21.19
N ALA C 466 -15.28 7.11 -20.15
CA ALA C 466 -14.99 8.53 -20.13
C ALA C 466 -13.72 8.91 -20.90
N SER C 467 -13.55 10.20 -21.10
CA SER C 467 -12.40 10.73 -21.83
C SER C 467 -11.08 10.56 -21.07
N ILE C 468 -11.17 10.42 -19.75
CA ILE C 468 -10.03 10.25 -18.85
C ILE C 468 -10.53 9.33 -17.73
N PRO C 469 -9.61 8.81 -16.89
CA PRO C 469 -10.04 7.76 -15.94
C PRO C 469 -10.55 8.26 -14.59
N THR C 470 -10.51 9.57 -14.38
CA THR C 470 -10.89 10.20 -13.13
C THR C 470 -12.40 10.50 -12.92
N PRO C 471 -13.23 10.60 -13.98
CA PRO C 471 -14.64 10.88 -13.73
C PRO C 471 -15.38 9.73 -13.04
N GLN C 472 -16.47 10.08 -12.36
CA GLN C 472 -17.21 9.12 -11.56
C GLN C 472 -17.90 8.05 -12.41
N PRO C 473 -18.15 6.86 -11.84
CA PRO C 473 -17.87 6.48 -10.45
C PRO C 473 -16.47 5.89 -10.26
N VAL C 474 -15.74 6.47 -9.31
CA VAL C 474 -14.43 5.95 -8.94
C VAL C 474 -14.64 4.82 -7.93
N MET C 475 -14.18 3.63 -8.32
CA MET C 475 -14.37 2.45 -7.49
C MET C 475 -13.19 1.51 -7.69
N GLY C 476 -13.05 0.57 -6.78
CA GLY C 476 -12.00 -0.45 -6.91
C GLY C 476 -12.29 -1.38 -8.06
N ARG C 477 -11.28 -1.60 -8.91
CA ARG C 477 -11.43 -2.44 -10.10
C ARG C 477 -10.14 -3.23 -10.34
N ARG C 478 -10.30 -4.46 -10.81
CA ARG C 478 -9.16 -5.26 -11.26
C ARG C 478 -8.56 -4.67 -12.53
N MET C 479 -7.24 -4.66 -12.60
CA MET C 479 -6.50 -4.08 -13.71
C MET C 479 -5.83 -5.17 -14.56
N TYR C 480 -4.99 -4.78 -15.50
CA TYR C 480 -4.47 -5.74 -16.48
C TYR C 480 -3.60 -6.83 -15.89
N GLY C 481 -3.01 -6.59 -14.72
CA GLY C 481 -2.20 -7.62 -14.09
C GLY C 481 -2.99 -8.86 -13.72
N THR C 482 -4.32 -8.74 -13.66
CA THR C 482 -5.20 -9.86 -13.29
C THR C 482 -5.78 -10.60 -14.48
N VAL C 483 -5.51 -10.10 -15.70
CA VAL C 483 -6.20 -10.56 -16.89
C VAL C 483 -5.33 -11.56 -17.68
N GLY C 484 -6.00 -12.55 -18.27
CA GLY C 484 -5.31 -13.52 -19.11
C GLY C 484 -4.22 -14.24 -18.36
N ASP C 485 -3.10 -14.47 -19.03
CA ASP C 485 -2.00 -15.21 -18.43
C ASP C 485 -1.11 -14.31 -17.57
N LEU C 486 -1.37 -13.00 -17.56
CA LEU C 486 -0.55 -12.11 -16.74
C LEU C 486 -0.75 -12.36 -15.24
N ILE C 487 -1.89 -12.93 -14.88
CA ILE C 487 -2.16 -13.32 -13.49
C ILE C 487 -1.14 -14.34 -12.99
N HIS C 488 -0.53 -15.11 -13.91
CA HIS C 488 0.49 -16.08 -13.53
C HIS C 488 1.81 -15.43 -13.14
N ASP C 489 2.18 -14.37 -13.85
CA ASP C 489 3.50 -13.77 -13.65
C ASP C 489 3.51 -12.72 -12.54
N THR C 490 2.32 -12.25 -12.14
CA THR C 490 2.25 -11.17 -11.17
C THR C 490 1.98 -11.67 -9.76
N ASN C 491 1.79 -12.98 -9.60
CA ASN C 491 1.48 -13.58 -8.31
C ASN C 491 2.30 -14.81 -8.02
N ILE C 492 2.50 -15.07 -6.74
CA ILE C 492 3.32 -16.16 -6.24
C ILE C 492 2.44 -17.16 -5.48
N THR C 493 2.60 -18.44 -5.81
CA THR C 493 2.12 -19.51 -4.94
C THR C 493 3.28 -20.00 -4.10
N PHE C 494 3.16 -19.85 -2.78
CA PHE C 494 4.19 -20.28 -1.85
C PHE C 494 3.94 -21.73 -1.49
N MET C 495 4.99 -22.54 -1.51
CA MET C 495 4.92 -23.99 -1.30
C MET C 495 6.11 -24.48 -0.50
N SER C 496 5.94 -25.65 0.11
CA SER C 496 7.03 -26.30 0.82
C SER C 496 8.18 -26.68 -0.11
N LYS C 497 9.38 -26.72 0.45
CA LYS C 497 10.54 -27.19 -0.30
C LYS C 497 10.36 -28.60 -0.85
N SER C 498 9.75 -29.49 -0.06
CA SER C 498 9.58 -30.87 -0.53
C SER C 498 8.63 -30.97 -1.72
N SER C 499 7.51 -30.24 -1.69
CA SER C 499 6.60 -30.28 -2.83
C SER C 499 7.24 -29.74 -4.10
N ILE C 500 8.08 -28.73 -3.96
CA ILE C 500 8.78 -28.14 -5.09
C ILE C 500 9.79 -29.15 -5.63
N GLN C 501 10.54 -29.78 -4.73
CA GLN C 501 11.53 -30.77 -5.13
C GLN C 501 10.89 -31.97 -5.82
N GLN C 502 9.69 -32.33 -5.38
CA GLN C 502 8.94 -33.45 -5.93
C GLN C 502 8.12 -33.11 -7.17
N GLY C 503 8.24 -31.88 -7.66
CA GLY C 503 7.65 -31.53 -8.95
C GLY C 503 6.16 -31.32 -8.93
N VAL C 504 5.60 -30.93 -7.79
CA VAL C 504 4.15 -30.72 -7.70
C VAL C 504 3.67 -29.65 -8.69
N PRO C 505 4.40 -28.54 -8.85
CA PRO C 505 3.88 -27.55 -9.80
C PRO C 505 3.69 -28.11 -11.21
N ALA C 506 4.66 -28.87 -11.71
CA ALA C 506 4.53 -29.48 -13.04
C ALA C 506 3.41 -30.52 -13.08
N LYS C 507 3.30 -31.30 -12.01
N LYS C 507 3.31 -31.32 -12.02
CA LYS C 507 2.28 -32.33 -11.92
CA LYS C 507 2.25 -32.34 -11.96
C LYS C 507 0.86 -31.77 -11.99
C LYS C 507 0.88 -31.70 -12.12
N LEU C 508 0.66 -30.59 -11.39
CA LEU C 508 -0.65 -29.94 -11.36
C LEU C 508 -0.85 -28.91 -12.47
N GLY C 509 0.19 -28.64 -13.25
CA GLY C 509 0.11 -27.63 -14.31
C GLY C 509 0.04 -26.20 -13.81
N LEU C 510 0.66 -25.94 -12.67
CA LEU C 510 0.66 -24.59 -12.10
C LEU C 510 1.58 -23.70 -12.91
N LYS C 511 1.05 -22.54 -13.31
N LYS C 511 1.07 -22.54 -13.33
CA LYS C 511 1.78 -21.57 -14.11
CA LYS C 511 1.86 -21.59 -14.10
C LYS C 511 2.21 -20.34 -13.33
C LYS C 511 2.26 -20.35 -13.31
N ARG C 512 1.71 -20.16 -12.12
CA ARG C 512 2.13 -19.05 -11.28
C ARG C 512 3.59 -19.15 -10.89
N ARG C 513 4.18 -18.01 -10.53
N ARG C 513 4.19 -18.02 -10.53
CA ARG C 513 5.49 -18.03 -9.91
CA ARG C 513 5.50 -18.04 -9.92
C ARG C 513 5.41 -18.91 -8.67
C ARG C 513 5.44 -18.87 -8.65
N ILE C 514 6.46 -19.70 -8.44
CA ILE C 514 6.47 -20.60 -7.30
C ILE C 514 7.49 -20.09 -6.29
N GLY C 515 7.01 -19.78 -5.08
CA GLY C 515 7.86 -19.29 -4.02
C GLY C 515 8.15 -20.40 -3.03
N THR C 516 9.37 -20.45 -2.53
CA THR C 516 9.79 -21.44 -1.56
C THR C 516 9.67 -20.91 -0.13
N VAL C 517 8.99 -21.67 0.72
CA VAL C 517 8.94 -21.39 2.15
C VAL C 517 10.24 -21.91 2.79
N LYS C 518 10.92 -21.05 3.54
CA LYS C 518 12.18 -21.47 4.16
C LYS C 518 12.55 -20.57 5.32
N ASN C 519 13.43 -21.09 6.17
CA ASN C 519 13.98 -20.38 7.31
C ASN C 519 12.93 -19.95 8.31
N CYS C 520 12.07 -20.88 8.69
CA CYS C 520 11.11 -20.52 9.71
C CYS C 520 11.13 -21.36 10.98
N ARG C 521 12.18 -22.17 11.16
CA ARG C 521 12.32 -22.97 12.37
C ARG C 521 13.40 -22.45 13.31
N ASN C 522 14.19 -21.51 12.78
N ASN C 522 14.30 -21.57 12.91
CA ASN C 522 15.39 -20.93 13.35
CA ASN C 522 15.30 -21.08 13.89
C ASN C 522 15.20 -19.46 13.69
C ASN C 522 15.13 -19.61 14.26
N ILE C 523 13.95 -19.08 13.98
CA ILE C 523 13.60 -17.71 14.32
C ILE C 523 12.85 -17.74 15.65
N GLY C 524 12.62 -16.55 16.18
CA GLY C 524 11.85 -16.40 17.40
C GLY C 524 11.36 -14.97 17.54
N LYS C 525 10.81 -14.66 18.70
CA LYS C 525 10.31 -13.31 18.98
C LYS C 525 11.34 -12.22 18.72
N LYS C 526 12.61 -12.52 19.00
CA LYS C 526 13.71 -11.58 18.74
C LYS C 526 13.80 -11.13 17.29
N ASP C 527 13.25 -11.92 16.37
CA ASP C 527 13.33 -11.61 14.94
C ASP C 527 12.15 -10.80 14.40
N MET C 528 11.22 -10.45 15.27
CA MET C 528 10.07 -9.62 14.90
C MET C 528 10.46 -8.14 14.94
N LYS C 529 10.53 -7.52 13.78
CA LYS C 529 11.01 -6.15 13.62
C LYS C 529 10.15 -5.18 14.43
N TRP C 530 10.82 -4.39 15.27
CA TRP C 530 10.20 -3.36 16.13
C TRP C 530 9.19 -3.91 17.13
N ASN C 531 9.11 -5.23 17.27
CA ASN C 531 8.08 -5.87 18.10
C ASN C 531 8.66 -7.15 18.70
N ASP C 532 9.79 -6.98 19.39
CA ASP C 532 10.64 -8.12 19.78
C ASP C 532 10.68 -8.36 21.28
N VAL C 533 9.68 -7.86 22.00
CA VAL C 533 9.72 -7.85 23.46
C VAL C 533 9.28 -9.19 24.05
N THR C 534 10.13 -9.76 24.91
CA THR C 534 9.76 -10.92 25.72
C THR C 534 9.62 -10.48 27.16
N THR C 535 8.65 -11.04 27.86
CA THR C 535 8.34 -10.64 29.24
C THR C 535 7.40 -11.68 29.84
N ASP C 536 7.28 -11.67 31.15
N ASP C 536 7.22 -11.62 31.15
CA ASP C 536 6.30 -12.51 31.82
CA ASP C 536 6.32 -12.51 31.86
C ASP C 536 4.97 -11.77 31.83
C ASP C 536 4.93 -11.89 31.99
N ILE C 537 3.97 -12.35 31.18
CA ILE C 537 2.62 -11.80 31.19
C ILE C 537 1.80 -12.62 32.17
N ASP C 538 1.25 -11.95 33.18
CA ASP C 538 0.41 -12.62 34.15
C ASP C 538 -1.04 -12.26 33.90
N ILE C 539 -1.88 -13.27 33.78
CA ILE C 539 -3.30 -13.05 33.61
C ILE C 539 -4.03 -13.69 34.79
N ASN C 540 -4.73 -12.87 35.56
CA ASN C 540 -5.43 -13.33 36.74
C ASN C 540 -6.57 -14.26 36.35
N PRO C 541 -6.58 -15.51 36.85
CA PRO C 541 -7.60 -16.46 36.39
C PRO C 541 -9.04 -16.11 36.82
N GLU C 542 -9.16 -15.31 37.87
CA GLU C 542 -10.47 -14.91 38.40
C GLU C 542 -10.97 -13.62 37.76
N THR C 543 -10.12 -12.58 37.74
CA THR C 543 -10.51 -11.24 37.27
C THR C 543 -10.13 -10.92 35.82
N TYR C 544 -9.21 -11.71 35.26
CA TYR C 544 -8.68 -11.54 33.89
C TYR C 544 -7.77 -10.31 33.75
N GLU C 545 -7.42 -9.70 34.89
CA GLU C 545 -6.46 -8.60 34.91
C GLU C 545 -5.12 -9.05 34.35
N VAL C 546 -4.55 -8.22 33.47
CA VAL C 546 -3.30 -8.53 32.79
C VAL C 546 -2.20 -7.66 33.38
N LYS C 547 -1.11 -8.29 33.81
CA LYS C 547 0.04 -7.57 34.35
C LYS C 547 1.33 -7.89 33.60
N VAL C 548 2.11 -6.82 33.37
CA VAL C 548 3.47 -6.90 32.83
C VAL C 548 4.37 -6.04 33.73
N ASP C 549 5.50 -6.59 34.16
CA ASP C 549 6.43 -5.90 35.06
C ASP C 549 5.74 -5.34 36.31
N GLY C 550 4.78 -6.11 36.83
CA GLY C 550 4.04 -5.75 38.03
C GLY C 550 2.97 -4.68 37.85
N GLU C 551 2.75 -4.24 36.62
CA GLU C 551 1.83 -3.16 36.31
C GLU C 551 0.63 -3.73 35.57
N VAL C 552 -0.56 -3.35 36.02
CA VAL C 552 -1.80 -3.69 35.35
C VAL C 552 -1.89 -2.91 34.04
N LEU C 553 -2.19 -3.64 32.97
CA LEU C 553 -2.38 -3.05 31.66
C LEU C 553 -3.86 -2.93 31.38
N THR C 554 -4.32 -1.69 31.32
CA THR C 554 -5.70 -1.43 30.98
C THR C 554 -5.88 -0.07 30.33
N CYS C 555 -6.92 0.04 29.55
CA CYS C 555 -7.29 1.29 28.90
C CYS C 555 -8.78 1.25 28.65
N GLU C 556 -9.31 2.41 28.26
CA GLU C 556 -10.73 2.56 28.03
C GLU C 556 -11.10 2.25 26.60
N PRO C 557 -12.33 1.74 26.37
CA PRO C 557 -12.82 1.65 25.01
C PRO C 557 -13.17 3.04 24.50
N VAL C 558 -13.08 3.24 23.19
CA VAL C 558 -13.44 4.51 22.59
C VAL C 558 -14.79 4.44 21.88
N LYS C 559 -15.47 5.57 21.84
CA LYS C 559 -16.78 5.68 21.20
C LYS C 559 -16.69 5.99 19.71
N GLU C 560 -15.55 6.51 19.26
CA GLU C 560 -15.37 6.93 17.87
C GLU C 560 -13.96 6.59 17.44
N LEU C 561 -13.80 6.26 16.17
CA LEU C 561 -12.51 6.04 15.55
C LEU C 561 -12.36 6.93 14.33
N PRO C 562 -11.10 7.26 13.99
CA PRO C 562 -10.82 7.81 12.66
C PRO C 562 -10.94 6.68 11.63
N MET C 563 -10.78 7.00 10.36
CA MET C 563 -10.78 5.98 9.32
C MET C 563 -12.08 5.18 9.34
N ALA C 564 -13.18 5.91 9.56
CA ALA C 564 -14.50 5.30 9.76
C ALA C 564 -15.59 6.08 9.01
N GLN C 565 -16.50 6.77 9.70
CA GLN C 565 -17.66 7.33 9.00
C GLN C 565 -17.37 8.48 8.03
N ARG C 566 -16.17 9.08 8.07
CA ARG C 566 -15.83 10.07 7.05
C ARG C 566 -15.69 9.44 5.66
N TYR C 567 -15.39 8.14 5.61
CA TYR C 567 -14.93 7.48 4.38
C TYR C 567 -15.91 6.50 3.75
N PHE C 568 -16.73 5.84 4.56
CA PHE C 568 -17.48 4.68 4.09
C PHE C 568 -18.93 4.98 3.82
N LEU C 569 -19.41 4.45 2.70
CA LEU C 569 -20.79 4.68 2.30
C LEU C 569 -21.77 3.85 3.13
N PHE C 570 -21.31 2.72 3.66
CA PHE C 570 -22.11 1.94 4.60
C PHE C 570 -21.25 1.53 5.74
C1 EDO D . -23.47 6.86 -20.42
O1 EDO D . -22.23 7.59 -20.38
C2 EDO D . -24.02 6.78 -21.84
O2 EDO D . -23.16 6.01 -22.72
C1 EDO E . -13.43 13.31 -5.98
O1 EDO E . -12.83 13.86 -4.79
C2 EDO E . -12.35 12.93 -7.00
O2 EDO E . -11.91 11.56 -6.85
C1 EDO F . -30.83 25.95 -20.38
O1 EDO F . -30.73 24.79 -19.55
C2 EDO F . -30.25 25.68 -21.76
O2 EDO F . -28.88 25.24 -21.72
C1 EDO G . -26.13 22.00 -25.60
O1 EDO G . -27.04 22.64 -26.50
C2 EDO G . -26.70 22.15 -24.19
O2 EDO G . -25.81 21.54 -23.26
C1 EDO H . -29.52 14.05 -8.80
O1 EDO H . -30.41 12.93 -8.73
C2 EDO H . -30.18 15.34 -8.38
O2 EDO H . -30.38 15.37 -6.97
C1 EDO I . -23.51 -2.84 -11.40
O1 EDO I . -24.89 -2.72 -11.03
C2 EDO I . -23.15 -1.77 -12.42
O2 EDO I . -22.01 -2.14 -13.22
C1 EDO J . -16.51 28.68 -5.00
O1 EDO J . -15.31 29.05 -5.69
C2 EDO J . -17.51 29.84 -4.96
O2 EDO J . -18.61 29.62 -5.87
C1 EDO K . 1.03 25.46 -42.75
O1 EDO K . 0.50 26.62 -42.15
C2 EDO K . 1.94 24.70 -41.79
O2 EDO K . 2.87 25.54 -41.10
C1 EDO L . 17.79 14.59 -36.56
O1 EDO L . 19.11 14.08 -36.84
C2 EDO L . 16.77 13.76 -37.33
O2 EDO L . 16.99 13.98 -38.75
C1 EDO M . 26.53 5.62 -27.90
O1 EDO M . 25.64 6.46 -28.67
C2 EDO M . 27.03 6.42 -26.70
O2 EDO M . 27.56 5.59 -25.66
S SO4 N . 29.80 14.71 -37.87
O1 SO4 N . 31.22 15.02 -38.17
O2 SO4 N . 29.21 14.09 -39.08
O3 SO4 N . 29.72 13.77 -36.75
O4 SO4 N . 29.07 15.97 -37.59
NI NI O . -8.81 -19.45 15.52
NI NI P . -9.45 -18.37 12.02
C1 EDO Q . 18.06 16.16 0.68
O1 EDO Q . 19.07 15.49 1.44
C2 EDO Q . 18.24 15.84 -0.80
O2 EDO Q . 19.55 16.24 -1.23
C1 EDO R . -15.45 -18.31 32.12
O1 EDO R . -16.54 -17.58 31.52
C2 EDO R . -15.85 -18.84 33.50
O2 EDO R . -16.58 -20.08 33.36
C1 EDO S . 10.62 -17.21 -7.13
O1 EDO S . 11.74 -16.35 -6.80
C2 EDO S . 9.27 -16.57 -6.79
O2 EDO S . 9.07 -15.39 -7.57
C1 EDO T . 17.31 2.50 0.48
O1 EDO T . 17.87 1.70 1.54
C2 EDO T . 18.43 2.85 -0.50
O2 EDO T . 18.77 1.74 -1.32
C1 EDO U . 14.17 -19.68 -2.69
O1 EDO U . 13.76 -19.64 -4.06
C2 EDO U . 15.20 -20.77 -2.33
O2 EDO U . 14.95 -22.08 -2.89
C1 EDO V . -12.76 -14.31 -8.06
O1 EDO V . -11.83 -13.92 -7.04
C2 EDO V . -12.03 -15.05 -9.18
O2 EDO V . -10.67 -14.60 -9.27
C1 EDO W . -19.04 -1.14 26.14
O1 EDO W . -20.17 -0.39 25.66
C2 EDO W . -17.96 -0.26 26.77
O2 EDO W . -18.37 1.08 27.04
S SO4 X . -13.86 8.80 22.53
O1 SO4 X . -12.47 9.13 22.91
O2 SO4 X . -13.85 8.36 21.11
O3 SO4 X . -14.40 7.76 23.44
O4 SO4 X . -14.69 10.02 22.69
S SO4 Y . -1.01 -25.64 -21.57
O1 SO4 Y . -1.13 -27.04 -21.12
O2 SO4 Y . 0.34 -25.12 -21.32
O3 SO4 Y . -2.03 -24.75 -20.96
O4 SO4 Y . -1.27 -25.59 -23.05
O1 9XN Z . -9.69 -17.94 14.22
O4 9XN Z . -10.82 -20.00 14.93
P2 9XN Z . -11.07 -18.62 14.35
S3 9XN Z . -12.37 -17.54 15.32
N5 9XN Z . -11.50 -18.86 12.69
#